data_4MK8
#
_entry.id   4MK8
#
_cell.length_a   85.831
_cell.length_b   105.707
_cell.length_c   125.769
_cell.angle_alpha   90.000
_cell.angle_beta   90.000
_cell.angle_gamma   90.000
#
_symmetry.space_group_name_H-M   'P 21 21 21'
#
loop_
_entity.id
_entity.type
_entity.pdbx_description
1 polymer 'RNA-DIRECTED RNA POLYMERASE'
2 non-polymer 'DIMETHYL SULFOXIDE'
3 non-polymer N-(4-{2-[3-tert-butyl-2-methoxy-5-(2-oxo-1,2-dihydropyridin-3-yl)phenyl]ethyl}phenyl)methanesulfonamide
4 non-polymer GLYCEROL
5 water water
#
_entity_poly.entity_id   1
_entity_poly.type   'polypeptide(L)'
_entity_poly.pdbx_seq_one_letter_code
;HMSYTWTGALITPCAAEESKLPINALSNSLLRHHNMVYATTSRSAGLRQKKVTFDRLQVLDDHYRDVLKEMKAKASTVKA
KLLSVEEACKLTPPHSAKSKFGYGAKDVRNLSSKAVNHIHSVWKDLLEDTVTPIDTTIMAKNEVFCVQPEKGGRKPARLI
VFPDLGVRVCEKMALYDVVSTLPQVVMGSSYGFQYSPGQRVEFLVNTWKSKKNPMGFSYDTRCFDSTVTENDIRVEESIY
QCCDLAPEARQAIKSLTERLYIGGPLTNSKGQNCGYRRCRASGVLTTSCGNTLTCYLKASAACRAAKLQDCTMLVNGDDL
VVICESAGTQEDAASLRVFTEAMTRYSAPPGDPPQPEYDLELITSCSSNVSVAHDASGKRVYYLTRDPTTPLARAAWETA
RHTPVNSWLGNIIMYAPTLWARMILMTHFFSILLAQEQLEKALDCQIYGACYSIEPLDLPQIIERLHGLSAFSLHSYSPG
EINRVASCLRKLGVPPLRVWRHRARSVRARLLSQGGRAATCGKYLFNWAVKTKLKLTPIPAASRLDLSGWFVAGYSGGDI
YHSLSRARPR
;
_entity_poly.pdbx_strand_id   A,B
#
loop_
_chem_comp.id
_chem_comp.type
_chem_comp.name
_chem_comp.formula
28Q non-polymer N-(4-{2-[3-tert-butyl-2-methoxy-5-(2-oxo-1,2-dihydropyridin-3-yl)phenyl]ethyl}phenyl)methanesulfonamide 'C25 H30 N2 O4 S'
DMS non-polymer 'DIMETHYL SULFOXIDE' 'C2 H6 O S'
GOL non-polymer GLYCEROL 'C3 H8 O3'
#
# COMPACT_ATOMS: atom_id res chain seq x y z
N HIS A 1 34.80 23.21 -14.33
CA HIS A 1 33.44 22.69 -14.10
C HIS A 1 32.72 23.54 -13.02
N MET A 2 32.60 24.86 -13.26
CA MET A 2 31.96 25.82 -12.34
C MET A 2 30.43 25.69 -12.43
N SER A 3 29.74 25.73 -11.28
CA SER A 3 28.27 25.67 -11.21
C SER A 3 27.64 26.85 -11.96
N TYR A 4 28.29 28.03 -11.87
CA TYR A 4 27.87 29.27 -12.52
C TYR A 4 29.03 30.13 -12.99
N THR A 5 28.74 30.99 -13.98
CA THR A 5 29.62 32.05 -14.44
C THR A 5 28.79 33.28 -14.38
N TRP A 6 29.39 34.40 -13.97
CA TRP A 6 28.65 35.65 -13.78
C TRP A 6 29.20 36.79 -14.61
N THR A 7 28.34 37.77 -14.96
CA THR A 7 28.76 38.92 -15.77
C THR A 7 28.97 40.17 -14.92
N GLY A 8 28.27 40.26 -13.81
CA GLY A 8 28.33 41.43 -12.95
C GLY A 8 27.01 42.14 -12.88
N ALA A 9 26.09 41.82 -13.83
CA ALA A 9 24.74 42.39 -13.84
C ALA A 9 24.04 41.82 -12.61
N LEU A 10 23.37 42.70 -11.87
CA LEU A 10 22.67 42.38 -10.64
C LEU A 10 21.42 41.56 -10.86
N ILE A 11 21.06 40.75 -9.86
CA ILE A 11 19.82 39.99 -9.81
C ILE A 11 18.84 41.03 -9.28
N THR A 12 17.89 41.42 -10.12
CA THR A 12 16.98 42.52 -9.84
C THR A 12 15.59 42.08 -9.38
N PRO A 13 14.91 42.90 -8.52
CA PRO A 13 13.55 42.53 -8.09
C PRO A 13 12.52 42.75 -9.19
N CYS A 14 11.31 42.19 -9.00
CA CYS A 14 10.18 42.35 -9.93
C CYS A 14 9.28 43.47 -9.42
N ALA A 15 9.15 43.59 -8.10
CA ALA A 15 8.32 44.60 -7.42
C ALA A 15 9.08 45.19 -6.22
N ALA A 16 8.35 45.95 -5.37
CA ALA A 16 8.88 46.57 -4.16
C ALA A 16 9.15 45.45 -3.16
N GLU A 17 10.32 45.50 -2.52
CA GLU A 17 10.69 44.47 -1.55
C GLU A 17 10.75 45.05 -0.16
N GLU A 18 10.19 44.34 0.82
CA GLU A 18 10.22 44.71 2.24
C GLU A 18 11.13 43.70 2.93
N SER A 19 12.03 44.16 3.81
CA SER A 19 12.88 43.23 4.55
C SER A 19 12.49 43.17 6.02
N LYS A 20 12.12 44.34 6.60
CA LYS A 20 11.71 44.50 8.00
C LYS A 20 10.27 44.04 8.15
N LEU A 21 9.96 43.35 9.25
CA LEU A 21 8.61 42.84 9.54
C LEU A 21 7.54 43.97 9.55
N PRO A 22 6.50 43.91 8.67
CA PRO A 22 5.44 44.95 8.70
C PRO A 22 4.60 44.81 9.97
N ILE A 23 4.20 45.93 10.55
CA ILE A 23 3.43 45.93 11.78
C ILE A 23 2.03 46.47 11.54
N ASN A 24 1.04 45.79 12.10
CA ASN A 24 -0.36 46.25 12.08
C ASN A 24 -0.94 46.11 13.49
N ALA A 25 -2.28 46.33 13.66
CA ALA A 25 -2.95 46.24 14.97
C ALA A 25 -2.94 44.82 15.56
N LEU A 26 -2.70 43.78 14.72
CA LEU A 26 -2.75 42.38 15.14
C LEU A 26 -1.39 41.78 15.52
N SER A 27 -0.29 42.37 15.02
CA SER A 27 1.09 41.88 15.20
C SER A 27 1.47 41.52 16.63
N ASN A 28 1.28 42.46 17.58
CA ASN A 28 1.62 42.33 18.99
C ASN A 28 0.88 41.22 19.72
N SER A 29 -0.28 40.78 19.24
CA SER A 29 -0.98 39.67 19.89
C SER A 29 -0.28 38.34 19.54
N LEU A 30 0.54 38.32 18.47
CA LEU A 30 1.32 37.15 18.10
C LEU A 30 2.79 37.20 18.55
N LEU A 31 3.51 38.28 18.23
CA LEU A 31 4.97 38.39 18.41
C LEU A 31 5.34 39.82 18.77
N ARG A 32 6.10 40.01 19.86
CA ARG A 32 6.53 41.35 20.30
C ARG A 32 7.97 41.72 19.88
N HIS A 33 8.85 40.71 19.63
CA HIS A 33 10.26 40.93 19.25
C HIS A 33 10.41 41.02 17.73
N HIS A 34 9.84 42.10 17.16
CA HIS A 34 9.77 42.39 15.72
C HIS A 34 11.12 42.41 15.00
N ASN A 35 12.18 42.91 15.67
CA ASN A 35 13.54 43.01 15.13
C ASN A 35 14.19 41.66 14.81
N MET A 36 13.62 40.55 15.37
N MET A 36 13.62 40.56 15.35
CA MET A 36 14.09 39.18 15.16
CA MET A 36 14.12 39.20 15.14
C MET A 36 13.63 38.61 13.82
C MET A 36 13.61 38.59 13.83
N VAL A 37 12.55 39.17 13.24
CA VAL A 37 11.94 38.69 12.01
C VAL A 37 12.32 39.54 10.80
N TYR A 38 12.71 38.87 9.69
CA TYR A 38 13.08 39.54 8.45
C TYR A 38 12.69 38.74 7.20
N ALA A 39 12.61 39.41 6.02
CA ALA A 39 12.40 38.74 4.74
C ALA A 39 13.65 38.97 3.93
N THR A 40 14.09 37.94 3.16
CA THR A 40 15.25 38.07 2.28
C THR A 40 14.81 38.86 1.06
N THR A 41 15.70 39.69 0.49
CA THR A 41 15.42 40.51 -0.69
C THR A 41 16.57 40.33 -1.68
N SER A 42 16.40 40.88 -2.91
CA SER A 42 17.44 40.90 -3.95
C SER A 42 18.72 41.63 -3.50
N ARG A 43 18.62 42.40 -2.41
CA ARG A 43 19.76 43.11 -1.83
C ARG A 43 20.87 42.14 -1.40
N SER A 44 20.48 40.92 -0.93
CA SER A 44 21.43 39.91 -0.46
C SER A 44 21.80 38.85 -1.53
N ALA A 45 21.27 38.99 -2.76
CA ALA A 45 21.53 38.01 -3.84
C ALA A 45 22.99 37.83 -4.21
N GLY A 46 23.79 38.89 -4.12
CA GLY A 46 25.23 38.89 -4.37
C GLY A 46 26.00 37.92 -3.49
N LEU A 47 25.63 37.83 -2.19
CA LEU A 47 26.25 36.91 -1.23
C LEU A 47 25.87 35.45 -1.57
N ARG A 48 24.60 35.25 -1.98
CA ARG A 48 24.15 33.91 -2.38
C ARG A 48 24.92 33.45 -3.62
N GLN A 49 25.14 34.37 -4.59
CA GLN A 49 25.91 34.09 -5.81
C GLN A 49 27.30 33.56 -5.46
N LYS A 50 27.96 34.17 -4.46
CA LYS A 50 29.28 33.74 -3.99
C LYS A 50 29.26 32.32 -3.40
N LYS A 51 28.24 32.00 -2.59
CA LYS A 51 28.09 30.69 -1.94
C LYS A 51 27.81 29.53 -2.88
N VAL A 52 27.00 29.75 -3.93
CA VAL A 52 26.57 28.72 -4.88
C VAL A 52 27.54 28.54 -6.05
N THR A 53 28.64 29.32 -6.10
CA THR A 53 29.61 29.27 -7.19
C THR A 53 30.88 28.54 -6.77
N PHE A 54 31.06 27.32 -7.30
CA PHE A 54 32.21 26.45 -7.02
C PHE A 54 32.41 25.44 -8.13
N ASP A 55 33.60 24.89 -8.20
CA ASP A 55 33.99 23.89 -9.18
C ASP A 55 33.48 22.56 -8.65
N ARG A 56 32.94 21.70 -9.53
CA ARG A 56 32.47 20.37 -9.13
C ARG A 56 33.34 19.35 -9.82
N LEU A 57 33.77 18.35 -9.06
CA LEU A 57 34.59 17.28 -9.57
C LEU A 57 33.92 15.98 -9.15
N GLN A 58 33.73 15.07 -10.11
CA GLN A 58 33.10 13.78 -9.91
C GLN A 58 34.01 12.64 -10.25
N VAL A 59 33.97 11.62 -9.40
CA VAL A 59 34.71 10.37 -9.55
C VAL A 59 33.63 9.27 -9.43
N LEU A 60 33.30 8.62 -10.57
CA LEU A 60 32.23 7.61 -10.57
C LEU A 60 32.79 6.18 -10.59
N ASP A 61 32.51 5.45 -9.50
CA ASP A 61 33.00 4.07 -9.31
C ASP A 61 31.94 3.03 -9.68
N ASP A 62 32.25 1.77 -9.39
CA ASP A 62 31.37 0.64 -9.70
C ASP A 62 30.10 0.59 -8.85
N HIS A 63 30.13 1.08 -7.59
CA HIS A 63 28.92 1.12 -6.75
C HIS A 63 27.87 2.06 -7.38
N TYR A 64 28.31 3.19 -7.95
CA TYR A 64 27.48 4.19 -8.63
C TYR A 64 26.75 3.58 -9.85
N ARG A 65 27.52 2.93 -10.75
CA ARG A 65 26.96 2.31 -11.96
C ARG A 65 26.08 1.10 -11.64
N ASP A 66 26.43 0.35 -10.56
CA ASP A 66 25.62 -0.79 -10.11
C ASP A 66 24.22 -0.32 -9.71
N VAL A 67 24.18 0.75 -8.89
CA VAL A 67 22.93 1.37 -8.40
C VAL A 67 22.14 1.94 -9.56
N LEU A 68 22.83 2.65 -10.47
CA LEU A 68 22.20 3.23 -11.65
C LEU A 68 21.58 2.14 -12.52
N LYS A 69 22.30 1.03 -12.79
CA LYS A 69 21.73 -0.08 -13.60
C LYS A 69 20.44 -0.65 -12.95
N GLU A 70 20.41 -0.75 -11.63
CA GLU A 70 19.22 -1.27 -10.92
C GLU A 70 18.04 -0.31 -11.03
N MET A 71 18.31 0.99 -10.89
CA MET A 71 17.31 2.06 -11.00
C MET A 71 16.69 2.11 -12.41
N LYS A 72 17.52 1.92 -13.44
CA LYS A 72 17.09 1.92 -14.84
C LYS A 72 16.23 0.71 -15.14
N ALA A 73 16.50 -0.43 -14.45
CA ALA A 73 15.72 -1.67 -14.63
C ALA A 73 14.28 -1.48 -14.11
N LYS A 74 14.16 -0.79 -12.96
CA LYS A 74 12.85 -0.47 -12.40
C LYS A 74 12.18 0.63 -13.25
N ALA A 75 12.97 1.63 -13.72
CA ALA A 75 12.42 2.72 -14.57
C ALA A 75 11.85 2.20 -15.89
N SER A 76 12.39 1.09 -16.42
CA SER A 76 11.94 0.47 -17.66
C SER A 76 10.53 -0.14 -17.56
N THR A 77 9.96 -0.28 -16.32
CA THR A 77 8.59 -0.80 -16.13
C THR A 77 7.55 0.34 -16.19
N VAL A 78 8.01 1.60 -16.20
CA VAL A 78 7.12 2.74 -16.22
C VAL A 78 6.62 3.05 -17.63
N LYS A 79 5.30 3.26 -17.75
CA LYS A 79 4.66 3.73 -18.96
C LYS A 79 4.16 5.11 -18.60
N ALA A 80 4.58 6.12 -19.38
CA ALA A 80 4.13 7.47 -19.12
C ALA A 80 3.44 8.10 -20.32
N LYS A 81 2.42 8.92 -20.05
CA LYS A 81 1.65 9.58 -21.08
C LYS A 81 2.03 11.03 -21.30
N LEU A 82 1.76 11.50 -22.51
CA LEU A 82 1.90 12.89 -22.90
C LEU A 82 0.65 13.57 -22.45
N LEU A 83 0.78 14.75 -21.87
CA LEU A 83 -0.39 15.53 -21.50
C LEU A 83 -0.75 16.39 -22.70
N SER A 84 -2.05 16.70 -22.86
CA SER A 84 -2.50 17.63 -23.92
C SER A 84 -2.14 19.06 -23.46
N VAL A 85 -2.14 20.04 -24.39
CA VAL A 85 -1.89 21.44 -24.03
C VAL A 85 -2.85 21.88 -22.92
N GLU A 86 -4.13 21.51 -23.07
CA GLU A 86 -5.23 21.81 -22.15
C GLU A 86 -4.98 21.30 -20.73
N GLU A 87 -4.62 20.01 -20.57
CA GLU A 87 -4.27 19.38 -19.28
C GLU A 87 -3.10 20.12 -18.63
N ALA A 88 -2.07 20.47 -19.43
CA ALA A 88 -0.88 21.18 -18.94
C ALA A 88 -1.22 22.61 -18.50
N CYS A 89 -2.11 23.28 -19.24
CA CYS A 89 -2.58 24.63 -18.95
C CYS A 89 -3.30 24.69 -17.59
N LYS A 90 -4.13 23.68 -17.31
CA LYS A 90 -4.93 23.61 -16.08
C LYS A 90 -4.12 23.31 -14.81
N LEU A 91 -2.87 22.82 -14.95
CA LEU A 91 -1.97 22.57 -13.82
C LEU A 91 -1.17 23.83 -13.50
N THR A 92 -1.36 24.88 -14.31
CA THR A 92 -0.62 26.14 -14.16
C THR A 92 -1.22 27.00 -13.03
N PRO A 93 -0.42 27.43 -12.03
CA PRO A 93 -0.97 28.28 -10.95
C PRO A 93 -1.55 29.62 -11.43
N PRO A 94 -2.72 30.05 -10.91
CA PRO A 94 -3.31 31.34 -11.36
C PRO A 94 -2.39 32.55 -11.30
N HIS A 95 -1.45 32.61 -10.36
CA HIS A 95 -0.54 33.74 -10.25
C HIS A 95 0.93 33.39 -10.65
N SER A 96 1.08 32.43 -11.58
CA SER A 96 2.38 32.01 -12.11
C SER A 96 2.95 33.16 -12.95
N ALA A 97 4.29 33.33 -12.97
CA ALA A 97 4.98 34.38 -13.73
C ALA A 97 4.52 34.41 -15.19
N LYS A 98 4.10 35.60 -15.67
CA LYS A 98 3.63 35.79 -17.04
C LYS A 98 4.71 35.52 -18.06
N SER A 99 4.30 35.14 -19.27
CA SER A 99 5.23 34.92 -20.37
C SER A 99 5.74 36.29 -20.88
N LYS A 100 6.93 36.30 -21.50
CA LYS A 100 7.54 37.48 -22.14
C LYS A 100 6.88 37.70 -23.52
N PHE A 101 6.08 36.72 -23.96
CA PHE A 101 5.45 36.71 -25.28
C PHE A 101 3.98 37.16 -25.26
N GLY A 102 3.66 38.04 -24.32
CA GLY A 102 2.37 38.73 -24.27
C GLY A 102 1.14 37.99 -23.81
N TYR A 103 1.30 37.13 -22.81
CA TYR A 103 0.16 36.42 -22.20
C TYR A 103 0.59 35.99 -20.81
N GLY A 104 -0.38 35.80 -19.92
CA GLY A 104 -0.13 35.40 -18.55
C GLY A 104 -0.74 34.08 -18.13
N ALA A 105 -0.52 33.74 -16.86
CA ALA A 105 -1.03 32.51 -16.23
C ALA A 105 -2.53 32.34 -16.33
N LYS A 106 -3.31 33.44 -16.28
CA LYS A 106 -4.78 33.35 -16.41
C LYS A 106 -5.21 33.12 -17.86
N ASP A 107 -4.42 33.57 -18.84
CA ASP A 107 -4.65 33.34 -20.26
C ASP A 107 -4.40 31.86 -20.58
N VAL A 108 -3.38 31.27 -19.93
CA VAL A 108 -2.98 29.85 -20.05
C VAL A 108 -4.13 28.97 -19.49
N ARG A 109 -4.58 29.27 -18.26
CA ARG A 109 -5.66 28.57 -17.58
C ARG A 109 -6.99 28.70 -18.33
N ASN A 110 -7.24 29.84 -19.01
CA ASN A 110 -8.48 30.08 -19.76
C ASN A 110 -8.46 29.48 -21.16
N LEU A 111 -7.32 28.83 -21.53
CA LEU A 111 -7.09 28.20 -22.83
C LEU A 111 -7.21 29.21 -23.97
N SER A 112 -6.78 30.47 -23.71
CA SER A 112 -6.84 31.54 -24.70
C SER A 112 -6.02 31.16 -25.92
N SER A 113 -6.56 31.45 -27.12
CA SER A 113 -5.92 31.16 -28.40
C SER A 113 -4.47 31.66 -28.46
N LYS A 114 -4.19 32.88 -28.00
CA LYS A 114 -2.83 33.46 -28.02
C LYS A 114 -1.83 32.57 -27.24
N ALA A 115 -2.18 32.20 -25.99
CA ALA A 115 -1.37 31.38 -25.09
C ALA A 115 -1.15 29.99 -25.68
N VAL A 116 -2.23 29.31 -26.08
CA VAL A 116 -2.23 27.96 -26.68
C VAL A 116 -1.46 27.92 -27.98
N ASN A 117 -1.59 28.96 -28.83
CA ASN A 117 -0.82 29.03 -30.08
C ASN A 117 0.66 29.19 -29.82
N HIS A 118 1.03 29.95 -28.75
CA HIS A 118 2.45 30.09 -28.40
C HIS A 118 3.03 28.80 -27.85
N ILE A 119 2.31 28.12 -26.92
CA ILE A 119 2.71 26.81 -26.36
C ILE A 119 2.94 25.79 -27.50
N HIS A 120 2.04 25.75 -28.51
CA HIS A 120 2.19 24.86 -29.67
C HIS A 120 3.48 25.19 -30.46
N SER A 121 3.80 26.50 -30.61
CA SER A 121 5.03 26.88 -31.32
C SER A 121 6.32 26.56 -30.51
N VAL A 122 6.28 26.64 -29.16
CA VAL A 122 7.41 26.27 -28.28
C VAL A 122 7.63 24.76 -28.41
N TRP A 123 6.53 23.97 -28.37
CA TRP A 123 6.54 22.52 -28.52
C TRP A 123 7.19 22.10 -29.86
N LYS A 124 6.75 22.70 -30.99
CA LYS A 124 7.34 22.45 -32.32
C LYS A 124 8.83 22.78 -32.28
N ASP A 125 9.23 23.87 -31.59
CA ASP A 125 10.63 24.28 -31.48
C ASP A 125 11.48 23.25 -30.67
N LEU A 126 10.91 22.70 -29.59
CA LEU A 126 11.60 21.65 -28.79
C LEU A 126 11.81 20.41 -29.66
N LEU A 127 10.82 20.05 -30.50
CA LEU A 127 10.92 18.88 -31.37
C LEU A 127 11.95 19.06 -32.51
N GLU A 128 11.99 20.24 -33.13
CA GLU A 128 12.89 20.53 -34.25
C GLU A 128 14.30 20.96 -33.86
N ASP A 129 14.50 21.49 -32.65
CA ASP A 129 15.80 21.99 -32.21
C ASP A 129 16.11 21.41 -30.83
N THR A 130 17.23 20.69 -30.71
CA THR A 130 17.65 20.05 -29.46
C THR A 130 19.01 20.58 -28.99
N VAL A 131 19.44 21.77 -29.47
N VAL A 131 19.46 21.76 -29.49
CA VAL A 131 20.76 22.32 -29.12
CA VAL A 131 20.80 22.31 -29.22
C VAL A 131 20.71 23.72 -28.50
C VAL A 131 20.83 23.77 -28.67
N THR A 132 19.84 24.62 -29.02
CA THR A 132 19.83 26.03 -28.57
C THR A 132 19.54 26.20 -27.07
N PRO A 133 20.48 26.75 -26.25
CA PRO A 133 20.16 27.00 -24.83
C PRO A 133 18.90 27.87 -24.71
N ILE A 134 18.02 27.45 -23.82
CA ILE A 134 16.76 28.12 -23.54
C ILE A 134 17.02 29.16 -22.45
N ASP A 135 16.53 30.38 -22.67
CA ASP A 135 16.69 31.48 -21.72
C ASP A 135 15.95 31.19 -20.41
N THR A 136 16.48 31.68 -19.29
CA THR A 136 15.85 31.53 -17.96
C THR A 136 15.94 32.84 -17.23
N THR A 137 14.98 33.09 -16.33
CA THR A 137 14.99 34.27 -15.48
C THR A 137 15.60 33.86 -14.10
N ILE A 138 16.55 34.65 -13.58
CA ILE A 138 17.11 34.41 -12.24
C ILE A 138 16.50 35.48 -11.31
N MET A 139 15.94 35.04 -10.16
N MET A 139 15.87 35.05 -10.19
CA MET A 139 15.29 35.92 -9.19
CA MET A 139 15.22 35.92 -9.19
C MET A 139 15.62 35.55 -7.74
C MET A 139 15.63 35.56 -7.77
N ALA A 140 15.66 36.57 -6.87
CA ALA A 140 15.91 36.37 -5.44
C ALA A 140 14.54 36.08 -4.80
N LYS A 141 14.43 34.97 -4.07
CA LYS A 141 13.19 34.62 -3.39
C LYS A 141 13.00 35.55 -2.20
N ASN A 142 11.74 35.88 -1.87
CA ASN A 142 11.43 36.70 -0.72
C ASN A 142 10.85 35.75 0.32
N GLU A 143 11.70 35.29 1.24
CA GLU A 143 11.32 34.36 2.30
C GLU A 143 11.62 34.92 3.66
N VAL A 144 10.75 34.62 4.61
CA VAL A 144 10.80 35.13 5.98
C VAL A 144 11.50 34.16 6.94
N PHE A 145 12.36 34.70 7.81
CA PHE A 145 13.08 33.90 8.79
C PHE A 145 13.21 34.66 10.12
N CYS A 146 13.71 33.97 11.15
CA CYS A 146 14.08 34.57 12.41
C CYS A 146 15.61 34.64 12.41
N VAL A 147 16.19 35.71 12.96
CA VAL A 147 17.64 35.89 13.06
C VAL A 147 18.26 34.82 13.98
N GLN A 148 19.56 34.48 13.73
CA GLN A 148 20.41 33.54 14.47
C GLN A 148 19.78 32.15 14.60
N ARG A 154 21.34 36.72 9.70
CA ARG A 154 20.55 36.90 8.48
C ARG A 154 21.08 36.11 7.28
N LYS A 155 20.26 35.19 6.76
CA LYS A 155 20.55 34.34 5.60
C LYS A 155 20.42 35.14 4.32
N PRO A 156 21.32 34.98 3.31
CA PRO A 156 21.08 35.69 2.03
C PRO A 156 19.94 35.01 1.27
N ALA A 157 19.32 35.78 0.36
CA ALA A 157 18.21 35.32 -0.46
C ALA A 157 18.53 34.07 -1.23
N ARG A 158 17.59 33.13 -1.28
CA ARG A 158 17.76 31.94 -2.10
C ARG A 158 17.42 32.37 -3.54
N LEU A 159 17.96 31.66 -4.51
CA LEU A 159 17.74 32.00 -5.89
C LEU A 159 16.79 31.03 -6.59
N ILE A 160 15.95 31.58 -7.49
CA ILE A 160 15.04 30.80 -8.30
C ILE A 160 15.37 31.05 -9.78
N VAL A 161 15.51 29.97 -10.55
CA VAL A 161 15.85 30.01 -11.98
C VAL A 161 14.77 29.27 -12.72
N PHE A 162 14.05 29.98 -13.59
CA PHE A 162 12.92 29.41 -14.30
C PHE A 162 12.81 29.81 -15.76
N PRO A 163 12.35 28.91 -16.65
CA PRO A 163 12.16 29.32 -18.05
C PRO A 163 10.81 30.00 -18.20
N ASP A 164 10.55 30.57 -19.38
CA ASP A 164 9.30 31.27 -19.71
C ASP A 164 8.08 30.36 -19.52
N LEU A 165 6.91 30.98 -19.27
CA LEU A 165 5.62 30.31 -19.05
C LEU A 165 5.31 29.28 -20.15
N GLY A 166 5.56 29.65 -21.41
CA GLY A 166 5.39 28.78 -22.57
C GLY A 166 6.19 27.49 -22.48
N VAL A 167 7.44 27.58 -22.02
CA VAL A 167 8.34 26.42 -21.82
C VAL A 167 7.83 25.55 -20.67
N ARG A 168 7.35 26.18 -19.59
CA ARG A 168 6.85 25.48 -18.40
C ARG A 168 5.63 24.62 -18.73
N VAL A 169 4.74 25.09 -19.61
CA VAL A 169 3.55 24.32 -20.04
C VAL A 169 4.05 23.10 -20.85
N CYS A 170 5.10 23.31 -21.67
CA CYS A 170 5.73 22.25 -22.47
C CYS A 170 6.36 21.18 -21.60
N GLU A 171 7.00 21.59 -20.49
CA GLU A 171 7.61 20.67 -19.52
C GLU A 171 6.52 19.74 -18.96
N LYS A 172 5.33 20.30 -18.64
CA LYS A 172 4.18 19.56 -18.10
C LYS A 172 3.72 18.50 -19.11
N MET A 173 3.56 18.91 -20.37
CA MET A 173 3.14 18.04 -21.47
C MET A 173 4.06 16.81 -21.58
N ALA A 174 5.38 17.02 -21.57
CA ALA A 174 6.40 15.98 -21.75
C ALA A 174 6.70 15.14 -20.51
N LEU A 175 6.72 15.79 -19.32
CA LEU A 175 7.24 15.17 -18.09
C LEU A 175 6.33 15.11 -16.88
N TYR A 176 5.16 15.76 -16.88
CA TYR A 176 4.30 15.69 -15.68
C TYR A 176 3.99 14.25 -15.23
N ASP A 177 3.58 13.38 -16.16
CA ASP A 177 3.25 12.01 -15.82
C ASP A 177 4.50 11.23 -15.38
N VAL A 178 5.68 11.52 -16.01
CA VAL A 178 6.97 10.93 -15.64
C VAL A 178 7.33 11.27 -14.19
N VAL A 179 7.43 12.58 -13.86
CA VAL A 179 7.86 13.06 -12.53
C VAL A 179 6.87 12.64 -11.42
N SER A 180 5.63 12.30 -11.80
CA SER A 180 4.60 11.86 -10.87
C SER A 180 4.62 10.36 -10.56
N THR A 181 5.03 9.50 -11.54
N THR A 181 5.01 9.52 -11.56
CA THR A 181 4.97 8.05 -11.36
CA THR A 181 4.97 8.05 -11.49
C THR A 181 6.33 7.33 -11.28
C THR A 181 6.32 7.37 -11.28
N LEU A 182 7.36 7.84 -11.98
CA LEU A 182 8.71 7.26 -11.99
C LEU A 182 9.38 7.12 -10.59
N PRO A 183 9.45 8.17 -9.72
CA PRO A 183 10.22 8.02 -8.48
C PRO A 183 9.79 6.89 -7.56
N GLN A 184 8.46 6.70 -7.38
CA GLN A 184 7.96 5.63 -6.51
C GLN A 184 8.27 4.26 -7.13
N VAL A 185 8.22 4.15 -8.46
CA VAL A 185 8.55 2.87 -9.09
C VAL A 185 10.06 2.55 -8.91
N VAL A 186 10.93 3.55 -9.07
CA VAL A 186 12.37 3.37 -8.93
C VAL A 186 12.82 3.13 -7.48
N MET A 187 12.22 3.86 -6.53
CA MET A 187 12.64 3.85 -5.13
C MET A 187 11.72 3.14 -4.14
N GLY A 188 10.54 2.72 -4.60
CA GLY A 188 9.58 2.03 -3.76
C GLY A 188 9.25 2.86 -2.53
N SER A 189 9.28 2.20 -1.36
CA SER A 189 8.97 2.81 -0.05
C SER A 189 9.98 3.91 0.38
N SER A 190 11.11 4.05 -0.33
CA SER A 190 12.13 5.06 -0.03
C SER A 190 11.75 6.48 -0.47
N TYR A 191 10.80 6.60 -1.41
CA TYR A 191 10.34 7.87 -1.96
C TYR A 191 9.40 8.54 -0.99
N GLY A 192 9.87 9.60 -0.35
CA GLY A 192 9.15 10.31 0.71
C GLY A 192 7.89 11.06 0.35
N PHE A 193 7.78 11.56 -0.90
CA PHE A 193 6.64 12.38 -1.33
C PHE A 193 5.33 11.62 -1.57
N GLN A 194 5.34 10.28 -1.52
CA GLN A 194 4.12 9.48 -1.69
C GLN A 194 3.32 9.38 -0.36
N TYR A 195 3.90 9.89 0.74
CA TYR A 195 3.33 9.78 2.08
C TYR A 195 2.71 11.05 2.60
N SER A 196 1.62 10.88 3.35
CA SER A 196 0.99 11.94 4.12
C SER A 196 1.92 12.05 5.36
N PRO A 197 1.85 13.09 6.23
CA PRO A 197 2.72 13.07 7.42
C PRO A 197 2.55 11.81 8.31
N GLY A 198 1.32 11.29 8.42
CA GLY A 198 0.99 10.12 9.22
C GLY A 198 1.62 8.85 8.66
N GLN A 199 1.59 8.71 7.33
CA GLN A 199 2.19 7.57 6.63
C GLN A 199 3.70 7.64 6.74
N ARG A 200 4.28 8.87 6.74
CA ARG A 200 5.72 9.07 6.90
C ARG A 200 6.20 8.60 8.29
N VAL A 201 5.46 8.96 9.35
CA VAL A 201 5.76 8.57 10.74
C VAL A 201 5.73 7.02 10.82
N GLU A 202 4.67 6.41 10.25
CA GLU A 202 4.44 4.96 10.20
C GLU A 202 5.63 4.26 9.50
N PHE A 203 6.11 4.83 8.38
CA PHE A 203 7.25 4.29 7.66
C PHE A 203 8.52 4.35 8.54
N LEU A 204 8.76 5.49 9.21
CA LEU A 204 9.95 5.70 10.04
C LEU A 204 9.97 4.81 11.27
N VAL A 205 8.78 4.61 11.92
CA VAL A 205 8.65 3.73 13.09
C VAL A 205 8.87 2.25 12.69
N ASN A 206 8.22 1.78 11.62
CA ASN A 206 8.34 0.40 11.15
C ASN A 206 9.78 0.07 10.76
N THR A 207 10.49 1.03 10.14
CA THR A 207 11.88 0.90 9.71
C THR A 207 12.79 0.82 10.94
N TRP A 208 12.61 1.73 11.91
CA TRP A 208 13.38 1.78 13.16
C TRP A 208 13.29 0.42 13.89
N LYS A 209 12.05 -0.12 14.03
CA LYS A 209 11.70 -1.42 14.65
C LYS A 209 12.18 -2.61 13.81
N SER A 210 12.44 -2.43 12.50
CA SER A 210 12.89 -3.53 11.65
C SER A 210 14.38 -3.85 11.83
N LYS A 211 15.11 -2.98 12.56
CA LYS A 211 16.54 -3.15 12.80
C LYS A 211 16.79 -3.69 14.22
N LYS A 212 17.74 -4.65 14.35
CA LYS A 212 18.16 -5.26 15.63
C LYS A 212 18.68 -4.16 16.56
N ASN A 213 19.65 -3.38 16.06
CA ASN A 213 20.21 -2.24 16.78
C ASN A 213 20.12 -1.06 15.81
N PRO A 214 18.96 -0.34 15.77
CA PRO A 214 18.84 0.74 14.80
C PRO A 214 19.75 1.93 15.04
N MET A 215 20.25 2.51 13.95
CA MET A 215 21.06 3.73 13.94
C MET A 215 20.53 4.51 12.76
N GLY A 216 20.39 5.80 12.96
CA GLY A 216 19.90 6.67 11.90
C GLY A 216 20.59 8.01 11.86
N PHE A 217 20.62 8.60 10.68
CA PHE A 217 21.19 9.92 10.47
C PHE A 217 20.50 10.60 9.31
N SER A 218 20.75 11.89 9.18
CA SER A 218 20.27 12.66 8.06
C SER A 218 21.50 13.22 7.36
N TYR A 219 21.44 13.35 6.04
CA TYR A 219 22.60 13.89 5.32
C TYR A 219 22.26 15.20 4.66
N ASP A 220 22.98 16.25 5.05
CA ASP A 220 22.83 17.62 4.55
C ASP A 220 23.88 17.88 3.49
N THR A 221 23.47 17.99 2.21
CA THR A 221 24.38 18.33 1.12
C THR A 221 24.45 19.85 1.10
N ARG A 222 25.68 20.40 1.00
CA ARG A 222 25.88 21.84 0.93
C ARG A 222 25.49 22.32 -0.49
N CYS A 223 24.46 23.21 -0.61
N CYS A 223 24.45 23.21 -0.59
CA CYS A 223 23.96 23.80 -1.87
CA CYS A 223 23.91 23.78 -1.84
C CYS A 223 23.72 22.70 -2.92
C CYS A 223 23.70 22.71 -2.91
N PHE A 224 22.80 21.75 -2.62
CA PHE A 224 22.52 20.59 -3.47
C PHE A 224 22.36 20.92 -4.97
N ASP A 225 21.49 21.88 -5.33
CA ASP A 225 21.31 22.26 -6.73
C ASP A 225 22.60 22.57 -7.46
N SER A 226 23.52 23.32 -6.81
CA SER A 226 24.81 23.71 -7.39
C SER A 226 25.80 22.55 -7.44
N THR A 227 25.57 21.46 -6.64
CA THR A 227 26.44 20.27 -6.70
C THR A 227 26.06 19.38 -7.89
N VAL A 228 24.84 19.56 -8.43
CA VAL A 228 24.33 18.76 -9.53
C VAL A 228 25.13 19.11 -10.81
N THR A 229 25.82 18.11 -11.37
CA THR A 229 26.69 18.28 -12.56
C THR A 229 25.96 18.00 -13.86
N GLU A 230 26.62 18.26 -15.02
CA GLU A 230 26.08 17.94 -16.34
C GLU A 230 25.81 16.43 -16.45
N ASN A 231 26.74 15.63 -15.94
CA ASN A 231 26.64 14.16 -15.90
C ASN A 231 25.37 13.74 -15.20
N ASP A 232 25.11 14.31 -13.98
CA ASP A 232 23.94 13.98 -13.17
C ASP A 232 22.65 14.21 -13.93
N ILE A 233 22.58 15.35 -14.62
CA ILE A 233 21.40 15.75 -15.39
C ILE A 233 21.19 14.84 -16.64
N ARG A 234 22.29 14.38 -17.27
CA ARG A 234 22.23 13.45 -18.42
C ARG A 234 21.80 12.05 -17.93
N VAL A 235 22.28 11.65 -16.74
CA VAL A 235 21.92 10.40 -16.09
C VAL A 235 20.41 10.39 -15.76
N GLU A 236 19.87 11.52 -15.25
CA GLU A 236 18.43 11.67 -14.99
C GLU A 236 17.67 11.49 -16.30
N GLU A 237 18.17 12.08 -17.39
CA GLU A 237 17.51 11.97 -18.70
C GLU A 237 17.49 10.52 -19.18
N SER A 238 18.62 9.78 -19.02
CA SER A 238 18.70 8.36 -19.40
C SER A 238 17.71 7.50 -18.58
N ILE A 239 17.44 7.88 -17.30
CA ILE A 239 16.46 7.20 -16.46
C ILE A 239 15.05 7.47 -17.05
N TYR A 240 14.71 8.75 -17.32
CA TYR A 240 13.40 9.11 -17.89
C TYR A 240 13.19 8.36 -19.20
N GLN A 241 14.24 8.25 -20.05
CA GLN A 241 14.21 7.54 -21.34
C GLN A 241 13.96 6.01 -21.20
N CYS A 242 14.13 5.42 -20.00
CA CYS A 242 13.84 4.00 -19.75
C CYS A 242 12.34 3.74 -19.80
N CYS A 243 11.53 4.77 -19.53
CA CYS A 243 10.07 4.68 -19.56
C CYS A 243 9.58 4.37 -20.98
N ASP A 244 8.38 3.78 -21.06
CA ASP A 244 7.68 3.54 -22.31
C ASP A 244 7.02 4.90 -22.51
N LEU A 245 7.49 5.64 -23.52
CA LEU A 245 7.03 6.99 -23.85
C LEU A 245 6.65 7.09 -25.34
N ALA A 246 5.81 8.07 -25.66
CA ALA A 246 5.46 8.38 -27.05
C ALA A 246 6.73 8.98 -27.70
N PRO A 247 7.00 8.73 -29.01
CA PRO A 247 8.23 9.29 -29.63
C PRO A 247 8.40 10.81 -29.51
N GLU A 248 7.30 11.59 -29.52
CA GLU A 248 7.33 13.06 -29.35
C GLU A 248 7.76 13.41 -27.93
N ALA A 249 7.36 12.59 -26.92
CA ALA A 249 7.75 12.81 -25.54
C ALA A 249 9.25 12.56 -25.38
N ARG A 250 9.80 11.51 -26.04
CA ARG A 250 11.24 11.19 -26.02
C ARG A 250 12.05 12.35 -26.56
N GLN A 251 11.61 12.91 -27.70
CA GLN A 251 12.25 14.04 -28.36
C GLN A 251 12.22 15.31 -27.49
N ALA A 252 11.04 15.65 -26.92
CA ALA A 252 10.90 16.82 -26.04
C ALA A 252 11.75 16.71 -24.76
N ILE A 253 11.88 15.50 -24.19
CA ILE A 253 12.67 15.23 -22.97
C ILE A 253 14.15 15.38 -23.30
N LYS A 254 14.57 14.90 -24.48
CA LYS A 254 15.97 15.05 -24.92
C LYS A 254 16.28 16.52 -25.11
N SER A 255 15.39 17.23 -25.81
CA SER A 255 15.52 18.66 -26.10
C SER A 255 15.55 19.52 -24.82
N LEU A 256 14.58 19.34 -23.92
CA LEU A 256 14.56 20.06 -22.64
C LEU A 256 15.81 19.77 -21.80
N THR A 257 16.34 18.55 -21.86
CA THR A 257 17.57 18.23 -21.14
C THR A 257 18.76 19.03 -21.71
N GLU A 258 18.96 18.98 -23.04
CA GLU A 258 20.10 19.63 -23.70
C GLU A 258 20.02 21.14 -23.64
N ARG A 259 18.82 21.67 -23.82
CA ARG A 259 18.57 23.10 -23.94
C ARG A 259 18.27 23.82 -22.64
N LEU A 260 17.72 23.12 -21.64
CA LEU A 260 17.31 23.73 -20.38
C LEU A 260 17.88 23.08 -19.12
N TYR A 261 17.66 21.78 -18.92
CA TYR A 261 18.05 21.13 -17.67
C TYR A 261 19.57 21.10 -17.39
N ILE A 262 20.42 20.88 -18.40
N ILE A 262 20.45 20.87 -18.40
CA ILE A 262 21.88 20.85 -18.26
CA ILE A 262 21.91 20.84 -18.19
C ILE A 262 22.45 22.23 -17.86
C ILE A 262 22.48 22.24 -17.87
N GLY A 263 21.84 23.27 -18.41
CA GLY A 263 22.26 24.64 -18.18
C GLY A 263 21.73 25.63 -19.18
N GLY A 264 22.14 26.87 -19.00
CA GLY A 264 21.69 27.95 -19.86
C GLY A 264 21.97 29.34 -19.33
N PRO A 265 21.68 30.37 -20.18
CA PRO A 265 21.93 31.76 -19.75
C PRO A 265 20.92 32.19 -18.70
N LEU A 266 21.36 33.10 -17.85
CA LEU A 266 20.59 33.66 -16.75
C LEU A 266 20.28 35.10 -17.04
N THR A 267 19.01 35.45 -17.00
CA THR A 267 18.53 36.81 -17.30
C THR A 267 17.84 37.40 -16.07
N ASN A 268 18.13 38.67 -15.73
CA ASN A 268 17.47 39.30 -14.58
C ASN A 268 16.11 39.82 -15.03
N SER A 269 15.27 40.27 -14.07
CA SER A 269 13.93 40.82 -14.37
C SER A 269 13.95 42.05 -15.31
N LYS A 270 15.13 42.67 -15.49
CA LYS A 270 15.27 43.85 -16.36
C LYS A 270 15.74 43.45 -17.77
N GLY A 271 15.91 42.15 -18.01
CA GLY A 271 16.34 41.63 -19.31
C GLY A 271 17.84 41.58 -19.53
N GLN A 272 18.64 41.85 -18.50
CA GLN A 272 20.12 41.81 -18.59
C GLN A 272 20.66 40.40 -18.35
N ASN A 273 21.74 40.07 -19.06
CA ASN A 273 22.41 38.79 -18.88
C ASN A 273 23.27 38.85 -17.62
N CYS A 274 22.94 37.99 -16.62
CA CYS A 274 23.62 37.88 -15.33
C CYS A 274 24.73 36.85 -15.37
N GLY A 275 24.61 35.89 -16.27
CA GLY A 275 25.60 34.85 -16.42
C GLY A 275 25.08 33.57 -17.05
N TYR A 276 25.67 32.45 -16.63
CA TYR A 276 25.38 31.12 -17.16
C TYR A 276 25.40 30.04 -16.08
N ARG A 277 24.37 29.19 -16.07
CA ARG A 277 24.19 28.07 -15.16
C ARG A 277 24.69 26.76 -15.80
N ARG A 278 25.37 25.91 -15.01
CA ARG A 278 25.86 24.58 -15.41
C ARG A 278 25.45 23.55 -14.36
N CYS A 279 24.36 23.84 -13.64
CA CYS A 279 23.89 23.01 -12.55
C CYS A 279 22.38 22.92 -12.58
N ARG A 280 21.76 22.30 -11.56
CA ARG A 280 20.30 22.19 -11.49
C ARG A 280 19.62 23.56 -11.44
N ALA A 281 18.58 23.73 -12.28
CA ALA A 281 17.73 24.92 -12.26
C ALA A 281 16.72 24.64 -11.13
N SER A 282 16.53 25.61 -10.22
CA SER A 282 15.63 25.44 -9.06
C SER A 282 14.14 25.62 -9.38
N GLY A 283 13.84 26.17 -10.53
CA GLY A 283 12.46 26.42 -10.94
C GLY A 283 12.03 25.75 -12.23
N VAL A 284 12.24 24.43 -12.32
CA VAL A 284 11.79 23.62 -13.47
C VAL A 284 10.93 22.47 -12.96
N LEU A 285 10.12 21.84 -13.84
CA LEU A 285 9.27 20.71 -13.44
C LEU A 285 10.04 19.55 -12.81
N THR A 286 11.19 19.22 -13.37
CA THR A 286 12.06 18.13 -12.95
C THR A 286 12.96 18.42 -11.74
N THR A 287 12.89 19.62 -11.12
CA THR A 287 13.74 19.95 -9.96
C THR A 287 13.63 18.90 -8.82
N SER A 288 12.41 18.64 -8.36
CA SER A 288 12.15 17.72 -7.26
C SER A 288 12.48 16.27 -7.59
N CYS A 289 11.98 15.75 -8.74
CA CYS A 289 12.23 14.38 -9.20
C CYS A 289 13.72 14.11 -9.51
N GLY A 290 14.32 15.06 -10.23
CA GLY A 290 15.75 15.04 -10.54
C GLY A 290 16.57 15.01 -9.27
N ASN A 291 16.28 15.92 -8.32
CA ASN A 291 16.99 15.93 -7.04
C ASN A 291 16.76 14.63 -6.26
N THR A 292 15.53 14.07 -6.30
CA THR A 292 15.22 12.81 -5.61
C THR A 292 16.03 11.64 -6.14
N LEU A 293 16.02 11.45 -7.47
CA LEU A 293 16.75 10.36 -8.09
C LEU A 293 18.25 10.49 -7.89
N THR A 294 18.79 11.71 -8.03
CA THR A 294 20.23 11.93 -7.91
C THR A 294 20.71 11.74 -6.48
N CYS A 295 19.93 12.22 -5.50
CA CYS A 295 20.25 12.06 -4.09
C CYS A 295 20.23 10.58 -3.70
N TYR A 296 19.19 9.86 -4.12
CA TYR A 296 19.01 8.43 -3.88
C TYR A 296 20.11 7.61 -4.52
N LEU A 297 20.49 7.94 -5.78
CA LEU A 297 21.55 7.26 -6.52
C LEU A 297 22.88 7.43 -5.77
N LYS A 298 23.26 8.68 -5.48
CA LYS A 298 24.52 8.99 -4.79
C LYS A 298 24.56 8.38 -3.39
N ALA A 299 23.43 8.47 -2.62
CA ALA A 299 23.35 7.91 -1.25
C ALA A 299 23.42 6.40 -1.24
N SER A 300 22.68 5.72 -2.13
CA SER A 300 22.65 4.24 -2.22
C SER A 300 24.04 3.68 -2.54
N ALA A 301 24.74 4.32 -3.48
CA ALA A 301 26.10 3.94 -3.89
C ALA A 301 27.06 4.23 -2.74
N ALA A 302 26.89 5.38 -2.01
CA ALA A 302 27.69 5.77 -0.84
C ALA A 302 27.50 4.78 0.32
N CYS A 303 26.28 4.23 0.49
N CYS A 303 26.28 4.27 0.50
CA CYS A 303 25.95 3.23 1.51
CA CYS A 303 26.02 3.28 1.53
C CYS A 303 26.72 1.92 1.28
C CYS A 303 26.83 1.98 1.27
N ARG A 304 26.86 1.52 0.00
CA ARG A 304 27.60 0.31 -0.41
C ARG A 304 29.11 0.55 -0.25
N ALA A 305 29.59 1.76 -0.58
CA ALA A 305 30.98 2.16 -0.45
C ALA A 305 31.42 2.23 1.01
N ALA A 306 30.49 2.63 1.90
CA ALA A 306 30.74 2.74 3.32
C ALA A 306 30.41 1.48 4.13
N LYS A 307 29.97 0.38 3.46
CA LYS A 307 29.60 -0.92 4.04
C LYS A 307 28.59 -0.77 5.19
N LEU A 308 27.62 0.14 5.00
CA LEU A 308 26.57 0.41 5.97
C LEU A 308 25.61 -0.78 5.88
N GLN A 309 25.34 -1.47 7.02
CA GLN A 309 24.48 -2.66 7.03
C GLN A 309 23.01 -2.36 7.03
N ASP A 310 22.26 -2.98 6.09
CA ASP A 310 20.80 -2.89 5.91
C ASP A 310 20.28 -1.44 5.93
N CYS A 311 20.75 -0.62 4.97
N CYS A 311 20.79 -0.61 5.03
CA CYS A 311 20.36 0.80 4.85
CA CYS A 311 20.36 0.79 4.96
C CYS A 311 19.02 1.00 4.21
C CYS A 311 19.01 0.93 4.30
N THR A 312 18.14 1.74 4.91
CA THR A 312 16.83 2.09 4.41
C THR A 312 16.92 3.56 4.19
N MET A 313 16.65 4.00 2.99
CA MET A 313 16.66 5.42 2.65
C MET A 313 15.26 5.96 2.78
N LEU A 314 15.16 7.26 3.09
CA LEU A 314 13.94 8.06 3.03
C LEU A 314 14.37 9.37 2.38
N VAL A 315 14.02 9.51 1.09
CA VAL A 315 14.44 10.61 0.22
C VAL A 315 13.28 11.46 -0.27
N ASN A 316 13.39 12.78 -0.09
CA ASN A 316 12.46 13.78 -0.60
C ASN A 316 13.37 14.84 -1.21
N GLY A 317 13.63 14.78 -2.53
CA GLY A 317 14.55 15.71 -3.16
C GLY A 317 15.94 15.60 -2.55
N ASP A 318 16.46 16.70 -2.00
CA ASP A 318 17.77 16.74 -1.33
C ASP A 318 17.70 16.39 0.16
N ASP A 319 16.48 16.12 0.67
CA ASP A 319 16.23 15.73 2.07
C ASP A 319 16.47 14.20 2.16
N LEU A 320 17.49 13.80 2.93
CA LEU A 320 17.90 12.41 3.02
C LEU A 320 17.99 11.90 4.44
N VAL A 321 17.28 10.81 4.72
CA VAL A 321 17.30 10.12 6.00
C VAL A 321 17.74 8.70 5.75
N VAL A 322 18.71 8.23 6.53
CA VAL A 322 19.19 6.84 6.42
C VAL A 322 18.97 6.13 7.76
N ILE A 323 18.34 4.94 7.75
CA ILE A 323 18.17 4.13 8.93
C ILE A 323 18.83 2.78 8.64
N CYS A 324 19.85 2.42 9.43
CA CYS A 324 20.61 1.20 9.21
C CYS A 324 20.89 0.41 10.49
N GLU A 325 21.64 -0.71 10.37
CA GLU A 325 22.06 -1.53 11.49
C GLU A 325 23.32 -0.92 12.10
N SER A 326 23.32 -0.70 13.43
CA SER A 326 24.47 -0.14 14.16
C SER A 326 25.56 -1.20 14.40
N ALA A 327 26.83 -0.74 14.51
CA ALA A 327 28.04 -1.52 14.79
C ALA A 327 28.78 -0.87 15.99
N GLY A 328 28.01 -0.17 16.86
CA GLY A 328 28.54 0.55 18.00
C GLY A 328 28.90 1.98 17.63
N THR A 329 28.88 2.91 18.60
CA THR A 329 29.14 4.35 18.36
C THR A 329 30.45 4.70 17.60
N GLN A 330 31.60 4.04 17.91
CA GLN A 330 32.90 4.38 17.31
C GLN A 330 33.04 3.95 15.87
N GLU A 331 32.46 2.78 15.52
CA GLU A 331 32.46 2.26 14.17
C GLU A 331 31.43 3.03 13.32
N ASP A 332 30.28 3.39 13.93
CA ASP A 332 29.25 4.17 13.25
C ASP A 332 29.83 5.52 12.87
N ALA A 333 30.63 6.14 13.76
CA ALA A 333 31.26 7.42 13.44
C ALA A 333 32.17 7.29 12.20
N ALA A 334 32.90 6.17 12.10
CA ALA A 334 33.83 5.87 11.01
C ALA A 334 33.09 5.67 9.67
N SER A 335 31.99 4.88 9.70
CA SER A 335 31.12 4.55 8.59
C SER A 335 30.52 5.82 7.95
N LEU A 336 30.08 6.78 8.80
CA LEU A 336 29.48 8.05 8.35
C LEU A 336 30.52 8.92 7.67
N ARG A 337 31.78 8.83 8.12
CA ARG A 337 32.88 9.58 7.51
C ARG A 337 33.17 9.00 6.13
N VAL A 338 33.09 7.66 5.98
CA VAL A 338 33.33 7.00 4.70
C VAL A 338 32.17 7.32 3.75
N PHE A 339 30.92 7.29 4.28
CA PHE A 339 29.69 7.64 3.55
C PHE A 339 29.82 9.07 2.99
N THR A 340 30.26 10.02 3.85
CA THR A 340 30.48 11.44 3.51
C THR A 340 31.55 11.58 2.44
N GLU A 341 32.66 10.82 2.56
CA GLU A 341 33.77 10.82 1.61
C GLU A 341 33.29 10.35 0.23
N ALA A 342 32.47 9.26 0.19
CA ALA A 342 31.88 8.73 -1.03
C ALA A 342 30.91 9.75 -1.63
N MET A 343 30.02 10.38 -0.81
CA MET A 343 29.09 11.43 -1.28
C MET A 343 29.84 12.61 -1.90
N THR A 344 30.97 13.01 -1.28
CA THR A 344 31.86 14.08 -1.74
C THR A 344 32.46 13.76 -3.12
N ARG A 345 32.99 12.54 -3.33
CA ARG A 345 33.55 12.08 -4.61
C ARG A 345 32.50 12.14 -5.73
N TYR A 346 31.23 11.89 -5.37
CA TYR A 346 30.08 11.93 -6.28
C TYR A 346 29.54 13.35 -6.50
N SER A 347 30.19 14.38 -5.90
CA SER A 347 29.79 15.79 -5.96
C SER A 347 28.47 16.03 -5.21
N ALA A 348 28.49 15.66 -3.93
CA ALA A 348 27.39 15.87 -2.98
C ALA A 348 28.11 16.08 -1.62
N PRO A 349 29.01 17.10 -1.51
CA PRO A 349 29.74 17.30 -0.25
C PRO A 349 28.79 17.76 0.85
N PRO A 350 29.14 17.52 2.14
CA PRO A 350 28.23 17.91 3.23
C PRO A 350 28.31 19.38 3.64
N GLY A 351 27.23 19.85 4.24
CA GLY A 351 27.20 21.15 4.89
C GLY A 351 27.64 20.81 6.29
N ASP A 352 26.68 20.50 7.17
CA ASP A 352 26.98 19.99 8.51
C ASP A 352 27.25 18.49 8.36
N PRO A 353 28.35 17.96 8.92
CA PRO A 353 28.60 16.51 8.75
C PRO A 353 27.56 15.65 9.48
N PRO A 354 27.22 14.44 8.95
CA PRO A 354 26.17 13.64 9.59
C PRO A 354 26.56 13.07 10.96
N GLN A 355 25.59 13.05 11.88
CA GLN A 355 25.76 12.55 13.24
C GLN A 355 24.92 11.30 13.47
N PRO A 356 25.52 10.22 13.98
CA PRO A 356 24.72 9.01 14.24
C PRO A 356 23.74 9.25 15.39
N GLU A 357 22.52 8.70 15.28
CA GLU A 357 21.46 8.80 16.29
C GLU A 357 20.93 7.43 16.65
N TYR A 358 20.62 7.22 17.94
CA TYR A 358 20.15 5.94 18.46
C TYR A 358 18.78 6.04 19.11
N ASP A 359 18.09 7.17 18.81
CA ASP A 359 16.73 7.47 19.26
C ASP A 359 16.07 8.10 18.03
N LEU A 360 14.98 7.52 17.55
CA LEU A 360 14.26 7.99 16.36
C LEU A 360 13.89 9.47 16.45
N GLU A 361 13.40 9.91 17.63
CA GLU A 361 13.04 11.30 17.95
C GLU A 361 14.18 12.29 17.77
N LEU A 362 15.46 11.82 17.81
CA LEU A 362 16.63 12.70 17.69
C LEU A 362 17.13 12.87 16.24
N ILE A 363 16.49 12.20 15.26
CA ILE A 363 16.88 12.38 13.86
C ILE A 363 16.15 13.62 13.33
N THR A 364 16.91 14.67 12.96
CA THR A 364 16.35 15.89 12.37
C THR A 364 16.75 16.01 10.91
N SER A 365 15.76 16.11 10.02
CA SER A 365 16.01 16.37 8.61
C SER A 365 15.07 17.49 8.17
N CYS A 366 15.66 18.57 7.59
CA CYS A 366 14.94 19.77 7.13
C CYS A 366 14.02 20.34 8.23
N SER A 367 14.60 20.53 9.44
CA SER A 367 14.00 21.07 10.67
C SER A 367 12.90 20.18 11.30
N SER A 368 12.59 19.02 10.69
CA SER A 368 11.55 18.10 11.13
C SER A 368 12.05 16.86 11.92
N ASN A 369 11.25 16.40 12.91
CA ASN A 369 11.56 15.23 13.72
C ASN A 369 10.32 14.48 14.19
N VAL A 370 10.48 13.22 14.56
CA VAL A 370 9.40 12.39 15.13
C VAL A 370 9.28 12.76 16.64
N SER A 371 8.06 12.89 17.13
CA SER A 371 7.86 13.13 18.56
C SER A 371 6.72 12.26 19.06
N VAL A 372 6.46 12.30 20.36
CA VAL A 372 5.43 11.44 20.96
C VAL A 372 4.49 12.23 21.88
N ALA A 373 3.19 11.87 21.83
CA ALA A 373 2.11 12.37 22.67
C ALA A 373 1.14 11.22 22.92
N HIS A 374 0.02 11.50 23.60
CA HIS A 374 -0.98 10.48 23.91
C HIS A 374 -2.33 10.84 23.35
N ASP A 375 -3.04 9.86 22.79
CA ASP A 375 -4.38 10.08 22.27
C ASP A 375 -5.37 10.08 23.46
N ALA A 376 -6.69 10.19 23.17
CA ALA A 376 -7.75 10.20 24.19
C ALA A 376 -7.73 8.96 25.09
N SER A 377 -7.37 7.78 24.52
CA SER A 377 -7.29 6.51 25.27
C SER A 377 -6.00 6.35 26.11
N GLY A 378 -5.06 7.26 25.98
CA GLY A 378 -3.81 7.25 26.73
C GLY A 378 -2.66 6.55 26.02
N LYS A 379 -2.97 5.98 24.85
CA LYS A 379 -2.02 5.27 24.00
C LYS A 379 -0.93 6.24 23.48
N ARG A 380 0.33 5.78 23.46
CA ARG A 380 1.47 6.52 22.90
C ARG A 380 1.26 6.64 21.38
N VAL A 381 1.39 7.87 20.86
CA VAL A 381 1.20 8.17 19.44
C VAL A 381 2.38 9.00 18.92
N TYR A 382 3.03 8.50 17.85
CA TYR A 382 4.16 9.15 17.19
C TYR A 382 3.62 10.09 16.14
N TYR A 383 4.17 11.29 16.05
CA TYR A 383 3.74 12.29 15.06
C TYR A 383 4.94 13.13 14.62
N LEU A 384 4.81 13.83 13.50
CA LEU A 384 5.87 14.71 13.03
C LEU A 384 5.67 16.15 13.48
N THR A 385 6.75 16.72 14.00
CA THR A 385 6.82 18.09 14.45
C THR A 385 8.08 18.74 13.84
N ARG A 386 8.40 19.97 14.25
CA ARG A 386 9.57 20.72 13.82
C ARG A 386 9.79 21.86 14.79
N ASP A 387 10.94 22.51 14.69
CA ASP A 387 11.23 23.69 15.49
C ASP A 387 10.24 24.75 14.98
N PRO A 388 9.44 25.40 15.86
CA PRO A 388 8.40 26.31 15.37
C PRO A 388 8.82 27.75 15.07
N THR A 389 10.13 28.09 15.15
CA THR A 389 10.66 29.45 14.93
C THR A 389 10.29 30.03 13.56
N THR A 390 10.64 29.32 12.46
CA THR A 390 10.34 29.75 11.10
C THR A 390 8.81 29.80 10.88
N PRO A 391 8.01 28.75 11.20
CA PRO A 391 6.54 28.87 11.07
C PRO A 391 5.98 30.08 11.82
N LEU A 392 6.50 30.39 13.04
CA LEU A 392 6.01 31.54 13.81
C LEU A 392 6.46 32.88 13.26
N ALA A 393 7.69 32.96 12.72
CA ALA A 393 8.21 34.18 12.08
C ALA A 393 7.36 34.49 10.82
N ARG A 394 7.04 33.46 10.01
CA ARG A 394 6.22 33.58 8.81
C ARG A 394 4.77 33.92 9.14
N ALA A 395 4.27 33.41 10.27
CA ALA A 395 2.90 33.72 10.73
C ALA A 395 2.79 35.21 11.08
N ALA A 396 3.86 35.79 11.67
CA ALA A 396 3.93 37.22 12.04
C ALA A 396 3.89 38.08 10.78
N TRP A 397 4.62 37.68 9.73
CA TRP A 397 4.61 38.41 8.46
C TRP A 397 3.23 38.34 7.81
N GLU A 398 2.62 37.13 7.82
CA GLU A 398 1.27 36.88 7.26
C GLU A 398 0.15 37.49 8.08
N THR A 399 0.44 37.95 9.30
CA THR A 399 -0.55 38.65 10.14
C THR A 399 -0.75 40.08 9.58
N ALA A 400 0.33 40.69 9.03
CA ALA A 400 0.31 42.07 8.52
C ALA A 400 0.30 42.18 7.00
N ARG A 401 0.61 41.09 6.26
CA ARG A 401 0.66 41.11 4.80
C ARG A 401 0.07 39.86 4.19
N HIS A 402 -0.64 40.01 3.06
CA HIS A 402 -1.14 38.90 2.26
C HIS A 402 0.02 38.45 1.39
N THR A 403 0.26 37.13 1.34
CA THR A 403 1.37 36.54 0.57
C THR A 403 0.83 35.53 -0.45
N PRO A 404 1.56 35.21 -1.54
CA PRO A 404 1.03 34.25 -2.53
C PRO A 404 0.84 32.85 -1.95
N VAL A 405 1.63 32.50 -0.94
CA VAL A 405 1.59 31.21 -0.26
C VAL A 405 1.38 31.48 1.22
N ASN A 406 0.29 30.97 1.78
CA ASN A 406 -0.06 31.13 3.18
C ASN A 406 0.60 30.01 3.97
N SER A 407 1.81 30.27 4.48
CA SER A 407 2.60 29.31 5.26
C SER A 407 1.87 28.82 6.48
N TRP A 408 1.00 29.67 7.11
CA TRP A 408 0.26 29.27 8.31
C TRP A 408 -0.72 28.17 8.01
N LEU A 409 -1.36 28.25 6.84
CA LEU A 409 -2.34 27.27 6.39
C LEU A 409 -1.67 25.94 6.05
N GLY A 410 -0.58 25.99 5.29
CA GLY A 410 0.19 24.79 4.97
C GLY A 410 0.69 24.14 6.24
N ASN A 411 1.16 24.97 7.22
CA ASN A 411 1.64 24.53 8.53
C ASN A 411 0.56 23.91 9.42
N ILE A 412 -0.67 24.45 9.40
CA ILE A 412 -1.81 23.86 10.15
C ILE A 412 -2.15 22.49 9.55
N ILE A 413 -2.14 22.38 8.20
CA ILE A 413 -2.48 21.13 7.50
C ILE A 413 -1.43 20.02 7.79
N MET A 414 -0.14 20.31 7.56
CA MET A 414 0.96 19.38 7.69
C MET A 414 1.35 19.10 9.13
N TYR A 415 1.27 20.13 9.99
CA TYR A 415 1.62 19.98 11.41
C TYR A 415 0.40 20.10 12.35
N ALA A 416 -0.79 19.71 11.87
CA ALA A 416 -2.01 19.69 12.70
C ALA A 416 -1.86 19.03 14.07
N PRO A 417 -1.18 17.87 14.26
CA PRO A 417 -1.14 17.26 15.61
C PRO A 417 -0.23 17.95 16.61
N THR A 418 0.59 18.91 16.16
CA THR A 418 1.58 19.57 17.02
C THR A 418 0.99 20.56 18.02
N LEU A 419 1.68 20.71 19.16
CA LEU A 419 1.32 21.62 20.25
C LEU A 419 1.21 23.07 19.75
N TRP A 420 2.23 23.53 19.01
CA TRP A 420 2.34 24.89 18.48
C TRP A 420 1.33 25.24 17.36
N ALA A 421 1.03 24.31 16.42
CA ALA A 421 0.08 24.60 15.34
C ALA A 421 -1.35 24.69 15.88
N ARG A 422 -1.66 23.83 16.84
CA ARG A 422 -2.97 23.74 17.46
C ARG A 422 -3.26 24.94 18.35
N MET A 423 -2.35 25.20 19.30
CA MET A 423 -2.55 26.25 20.28
C MET A 423 -2.36 27.66 19.75
N ILE A 424 -1.40 27.84 18.83
CA ILE A 424 -1.06 29.17 18.34
C ILE A 424 -1.63 29.46 16.96
N LEU A 425 -1.19 28.71 15.93
CA LEU A 425 -1.59 28.98 14.55
C LEU A 425 -3.09 28.90 14.33
N MET A 426 -3.75 27.81 14.80
CA MET A 426 -5.20 27.66 14.66
C MET A 426 -5.92 28.80 15.37
N THR A 427 -5.53 29.10 16.65
CA THR A 427 -6.14 30.15 17.47
C THR A 427 -6.06 31.53 16.82
N HIS A 428 -4.85 31.94 16.47
CA HIS A 428 -4.52 33.22 15.89
C HIS A 428 -5.22 33.48 14.57
N PHE A 429 -5.02 32.59 13.59
CA PHE A 429 -5.57 32.82 12.26
C PHE A 429 -7.10 32.60 12.19
N PHE A 430 -7.68 31.72 13.04
CA PHE A 430 -9.13 31.62 13.04
C PHE A 430 -9.77 32.88 13.67
N SER A 431 -9.12 33.45 14.71
CA SER A 431 -9.54 34.72 15.32
C SER A 431 -9.57 35.82 14.21
N ILE A 432 -8.51 35.91 13.39
CA ILE A 432 -8.43 36.89 12.29
C ILE A 432 -9.52 36.67 11.22
N LEU A 433 -9.69 35.42 10.73
CA LEU A 433 -10.67 35.06 9.71
C LEU A 433 -12.12 35.34 10.16
N LEU A 434 -12.42 35.14 11.46
CA LEU A 434 -13.73 35.44 12.04
C LEU A 434 -13.99 36.94 11.96
N ALA A 435 -13.06 37.77 12.51
CA ALA A 435 -13.14 39.23 12.51
C ALA A 435 -13.26 39.82 11.09
N GLN A 436 -12.59 39.20 10.09
CA GLN A 436 -12.57 39.67 8.70
C GLN A 436 -13.63 39.04 7.81
N GLU A 437 -14.46 38.14 8.37
CA GLU A 437 -15.52 37.44 7.64
C GLU A 437 -14.93 36.72 6.39
N GLN A 438 -13.80 36.01 6.58
CA GLN A 438 -13.09 35.35 5.49
C GLN A 438 -12.93 33.83 5.66
N LEU A 439 -13.75 33.22 6.51
CA LEU A 439 -13.76 31.77 6.75
C LEU A 439 -14.00 30.95 5.46
N GLU A 440 -14.89 31.45 4.54
CA GLU A 440 -15.25 30.80 3.28
C GLU A 440 -14.33 31.16 2.11
N LYS A 441 -13.37 32.09 2.29
CA LYS A 441 -12.46 32.48 1.21
C LYS A 441 -11.36 31.43 1.00
N ALA A 442 -11.21 30.93 -0.25
CA ALA A 442 -10.18 29.94 -0.60
C ALA A 442 -8.82 30.62 -0.58
N LEU A 443 -7.85 29.98 0.07
CA LEU A 443 -6.51 30.51 0.22
C LEU A 443 -5.50 29.52 -0.36
N ASP A 444 -4.46 30.04 -0.99
CA ASP A 444 -3.40 29.22 -1.54
C ASP A 444 -2.37 28.84 -0.51
N CYS A 445 -1.92 27.59 -0.60
CA CYS A 445 -0.86 27.05 0.23
C CYS A 445 -0.11 26.02 -0.57
N GLN A 446 1.09 25.65 -0.10
CA GLN A 446 1.90 24.66 -0.77
C GLN A 446 2.00 23.36 0.04
N ILE A 447 1.74 22.23 -0.61
CA ILE A 447 1.92 20.88 -0.06
C ILE A 447 2.90 20.15 -0.97
N TYR A 448 4.08 19.77 -0.45
CA TYR A 448 5.17 19.11 -1.21
C TYR A 448 5.52 19.86 -2.52
N GLY A 449 5.56 21.20 -2.43
CA GLY A 449 5.91 22.10 -3.53
C GLY A 449 4.76 22.40 -4.48
N ALA A 450 3.65 21.62 -4.43
CA ALA A 450 2.48 21.88 -5.28
C ALA A 450 1.52 22.88 -4.60
N CYS A 451 0.91 23.77 -5.39
N CYS A 451 0.92 23.80 -5.38
CA CYS A 451 -0.02 24.82 -4.93
CA CYS A 451 0.00 24.84 -4.89
C CYS A 451 -1.48 24.32 -4.85
C CYS A 451 -1.46 24.36 -4.85
N TYR A 452 -2.14 24.58 -3.72
CA TYR A 452 -3.54 24.19 -3.52
C TYR A 452 -4.35 25.36 -3.08
N SER A 453 -5.62 25.38 -3.47
CA SER A 453 -6.55 26.41 -3.05
C SER A 453 -7.43 25.75 -2.00
N ILE A 454 -7.35 26.21 -0.74
CA ILE A 454 -8.07 25.58 0.36
C ILE A 454 -8.90 26.57 1.18
N GLU A 455 -10.15 26.20 1.46
CA GLU A 455 -11.04 26.99 2.30
C GLU A 455 -10.74 26.59 3.74
N PRO A 456 -10.40 27.55 4.63
CA PRO A 456 -10.13 27.20 6.05
C PRO A 456 -11.26 26.42 6.74
N LEU A 457 -12.53 26.58 6.29
CA LEU A 457 -13.67 25.88 6.86
C LEU A 457 -13.60 24.37 6.66
N ASP A 458 -12.80 23.91 5.63
CA ASP A 458 -12.60 22.48 5.35
C ASP A 458 -11.44 21.86 6.14
N LEU A 459 -10.75 22.67 6.96
CA LEU A 459 -9.61 22.19 7.74
C LEU A 459 -9.90 20.94 8.62
N PRO A 460 -11.05 20.81 9.35
CA PRO A 460 -11.26 19.60 10.17
C PRO A 460 -11.28 18.28 9.40
N GLN A 461 -11.94 18.27 8.23
CA GLN A 461 -12.02 17.11 7.31
C GLN A 461 -10.65 16.78 6.70
N ILE A 462 -9.88 17.81 6.28
CA ILE A 462 -8.55 17.63 5.70
C ILE A 462 -7.64 16.99 6.75
N ILE A 463 -7.64 17.56 7.97
CA ILE A 463 -6.81 17.07 9.07
C ILE A 463 -7.16 15.61 9.39
N GLU A 464 -8.48 15.28 9.46
CA GLU A 464 -8.95 13.92 9.73
C GLU A 464 -8.46 12.94 8.68
N ARG A 465 -8.43 13.36 7.41
CA ARG A 465 -7.97 12.50 6.32
C ARG A 465 -6.47 12.29 6.29
N LEU A 466 -5.67 13.27 6.74
CA LEU A 466 -4.21 13.16 6.73
C LEU A 466 -3.64 12.56 8.01
N HIS A 467 -4.25 12.88 9.17
CA HIS A 467 -3.71 12.48 10.46
C HIS A 467 -4.60 11.59 11.29
N GLY A 468 -5.89 11.53 10.97
CA GLY A 468 -6.87 10.80 11.75
C GLY A 468 -7.43 11.69 12.85
N LEU A 469 -8.48 11.24 13.55
CA LEU A 469 -9.12 11.99 14.62
C LEU A 469 -8.22 12.26 15.85
N SER A 470 -7.15 11.45 16.06
CA SER A 470 -6.20 11.63 17.17
C SER A 470 -5.46 13.00 17.16
N ALA A 471 -5.41 13.68 16.00
CA ALA A 471 -4.80 15.01 15.83
C ALA A 471 -5.59 16.06 16.61
N PHE A 472 -6.88 15.77 16.88
CA PHE A 472 -7.78 16.64 17.63
C PHE A 472 -7.81 16.23 19.11
N SER A 473 -7.08 15.15 19.52
CA SER A 473 -7.07 14.61 20.90
C SER A 473 -5.68 14.48 21.54
N LEU A 474 -4.60 14.82 20.82
CA LEU A 474 -3.26 14.65 21.41
C LEU A 474 -3.07 15.50 22.66
N HIS A 475 -2.42 14.91 23.65
CA HIS A 475 -2.13 15.55 24.94
C HIS A 475 -0.90 14.87 25.55
N SER A 476 -0.38 15.40 26.66
CA SER A 476 0.83 14.91 27.35
C SER A 476 1.99 14.82 26.35
N TYR A 477 2.32 15.96 25.72
CA TYR A 477 3.42 16.10 24.78
C TYR A 477 4.73 15.85 25.54
N SER A 478 5.81 15.56 24.82
N SER A 478 5.82 15.61 24.81
CA SER A 478 7.09 15.27 25.46
CA SER A 478 7.13 15.33 25.39
C SER A 478 7.70 16.51 26.14
C SER A 478 7.72 16.53 26.11
N PRO A 479 8.48 16.35 27.24
CA PRO A 479 9.11 17.52 27.89
C PRO A 479 10.14 18.20 26.97
N GLY A 480 10.71 17.46 26.03
CA GLY A 480 11.65 17.99 25.05
C GLY A 480 10.93 18.93 24.10
N GLU A 481 9.75 18.48 23.60
CA GLU A 481 8.87 19.21 22.69
C GLU A 481 8.22 20.43 23.35
N ILE A 482 7.65 20.28 24.57
CA ILE A 482 7.05 21.42 25.30
C ILE A 482 8.14 22.49 25.51
N ASN A 483 9.35 22.09 25.94
CA ASN A 483 10.47 22.99 26.21
C ASN A 483 10.94 23.74 24.99
N ARG A 484 11.00 23.08 23.80
CA ARG A 484 11.42 23.74 22.55
C ARG A 484 10.38 24.81 22.18
N VAL A 485 9.08 24.50 22.30
CA VAL A 485 8.00 25.45 22.00
C VAL A 485 8.09 26.65 22.96
N ALA A 486 8.15 26.39 24.29
CA ALA A 486 8.23 27.45 25.31
C ALA A 486 9.45 28.35 25.12
N SER A 487 10.63 27.76 24.82
CA SER A 487 11.87 28.52 24.56
C SER A 487 11.73 29.42 23.33
N CYS A 488 11.10 28.87 22.24
CA CYS A 488 10.83 29.59 21.00
C CYS A 488 9.93 30.81 21.26
N LEU A 489 8.90 30.65 22.11
CA LEU A 489 7.99 31.75 22.45
C LEU A 489 8.69 32.88 23.19
N ARG A 490 9.58 32.54 24.15
CA ARG A 490 10.35 33.54 24.89
C ARG A 490 11.31 34.28 23.96
N LYS A 491 11.99 33.57 23.06
CA LYS A 491 12.90 34.13 22.05
C LYS A 491 12.20 35.16 21.13
N LEU A 492 11.02 34.80 20.60
CA LEU A 492 10.26 35.67 19.69
C LEU A 492 9.38 36.71 20.37
N GLY A 493 9.10 36.53 21.66
CA GLY A 493 8.22 37.43 22.39
C GLY A 493 6.77 37.11 22.08
N VAL A 494 6.48 35.80 21.94
CA VAL A 494 5.14 35.29 21.68
C VAL A 494 4.46 35.05 23.05
N PRO A 495 3.17 35.43 23.23
CA PRO A 495 2.49 35.16 24.52
C PRO A 495 2.57 33.68 24.96
N PRO A 496 2.67 33.39 26.29
CA PRO A 496 2.76 31.98 26.73
C PRO A 496 1.53 31.15 26.40
N LEU A 497 1.71 29.82 26.37
CA LEU A 497 0.68 28.83 26.03
C LEU A 497 -0.64 28.97 26.80
N ARG A 498 -0.58 29.42 28.08
CA ARG A 498 -1.78 29.68 28.90
C ARG A 498 -2.62 30.79 28.30
N VAL A 499 -1.98 31.80 27.67
CA VAL A 499 -2.69 32.91 27.00
C VAL A 499 -3.48 32.35 25.79
N TRP A 500 -2.81 31.48 25.00
CA TRP A 500 -3.36 30.83 23.82
C TRP A 500 -4.51 29.93 24.16
N ARG A 501 -4.43 29.21 25.31
CA ARG A 501 -5.54 28.37 25.77
C ARG A 501 -6.76 29.26 26.05
N HIS A 502 -6.54 30.43 26.72
CA HIS A 502 -7.59 31.38 27.06
C HIS A 502 -8.25 31.92 25.78
N ARG A 503 -7.44 32.40 24.83
CA ARG A 503 -7.90 32.94 23.54
C ARG A 503 -8.65 31.89 22.72
N ALA A 504 -8.21 30.63 22.80
CA ALA A 504 -8.83 29.53 22.06
C ALA A 504 -10.25 29.22 22.49
N ARG A 505 -10.55 29.38 23.81
CA ARG A 505 -11.92 29.17 24.32
C ARG A 505 -12.84 30.20 23.68
N SER A 506 -12.36 31.44 23.54
CA SER A 506 -13.10 32.53 22.88
C SER A 506 -13.27 32.23 21.38
N VAL A 507 -12.18 31.88 20.67
CA VAL A 507 -12.24 31.54 19.24
C VAL A 507 -13.24 30.39 19.04
N ARG A 508 -13.18 29.36 19.91
CA ARG A 508 -14.09 28.22 19.87
C ARG A 508 -15.57 28.67 19.98
N ALA A 509 -15.89 29.47 21.01
CA ALA A 509 -17.25 29.98 21.25
C ALA A 509 -17.72 30.79 20.04
N ARG A 510 -16.85 31.67 19.49
CA ARG A 510 -17.15 32.49 18.31
C ARG A 510 -17.49 31.63 17.09
N LEU A 511 -16.73 30.53 16.87
CA LEU A 511 -16.98 29.60 15.76
C LEU A 511 -18.30 28.84 15.94
N LEU A 512 -18.57 28.37 17.18
CA LEU A 512 -19.81 27.64 17.50
C LEU A 512 -21.05 28.50 17.24
N SER A 513 -20.97 29.81 17.60
CA SER A 513 -22.04 30.81 17.40
C SER A 513 -22.42 30.95 15.92
N GLN A 514 -21.43 30.90 14.99
CA GLN A 514 -21.62 30.99 13.55
C GLN A 514 -22.38 29.79 12.96
N GLY A 515 -22.37 28.65 13.69
CA GLY A 515 -23.00 27.40 13.27
C GLY A 515 -22.36 26.81 12.01
N GLY A 516 -22.95 25.73 11.49
CA GLY A 516 -22.50 25.08 10.26
C GLY A 516 -21.06 24.61 10.27
N ARG A 517 -20.32 24.83 9.16
CA ARG A 517 -18.89 24.44 9.02
C ARG A 517 -18.01 25.15 10.05
N ALA A 518 -18.34 26.40 10.43
CA ALA A 518 -17.57 27.13 11.42
C ALA A 518 -17.69 26.46 12.79
N ALA A 519 -18.90 25.98 13.17
CA ALA A 519 -19.14 25.28 14.44
C ALA A 519 -18.34 23.99 14.50
N THR A 520 -18.28 23.27 13.35
CA THR A 520 -17.46 22.05 13.21
C THR A 520 -15.99 22.39 13.51
N CYS A 521 -15.48 23.55 12.99
CA CYS A 521 -14.12 24.04 13.24
C CYS A 521 -13.92 24.26 14.71
N GLY A 522 -14.91 24.87 15.38
CA GLY A 522 -14.87 25.11 16.83
C GLY A 522 -14.78 23.82 17.60
N LYS A 523 -15.66 22.87 17.26
CA LYS A 523 -15.79 21.55 17.89
C LYS A 523 -14.54 20.71 17.82
N TYR A 524 -13.98 20.55 16.60
CA TYR A 524 -12.83 19.69 16.34
C TYR A 524 -11.50 20.32 16.62
N LEU A 525 -11.25 21.52 16.08
CA LEU A 525 -9.94 22.18 16.21
C LEU A 525 -9.66 22.68 17.59
N PHE A 526 -10.69 23.01 18.37
CA PHE A 526 -10.47 23.61 19.69
C PHE A 526 -11.05 22.82 20.86
N ASN A 527 -11.25 21.51 20.69
CA ASN A 527 -11.74 20.63 21.77
C ASN A 527 -10.74 20.56 22.93
N TRP A 528 -9.44 20.74 22.63
CA TRP A 528 -8.35 20.75 23.61
C TRP A 528 -8.46 21.93 24.59
N ALA A 529 -9.13 23.03 24.16
CA ALA A 529 -9.26 24.28 24.93
C ALA A 529 -10.28 24.25 26.05
N VAL A 530 -11.29 23.37 25.98
CA VAL A 530 -12.35 23.31 26.99
C VAL A 530 -12.12 22.22 28.05
N LYS A 531 -12.63 22.44 29.29
CA LYS A 531 -12.46 21.46 30.36
C LYS A 531 -13.38 20.25 30.19
N THR A 532 -14.63 20.47 29.74
CA THR A 532 -15.57 19.38 29.50
C THR A 532 -15.56 19.05 27.99
N LYS A 533 -14.62 18.18 27.59
CA LYS A 533 -14.40 17.76 26.21
C LYS A 533 -15.61 17.05 25.58
N LEU A 534 -15.68 17.11 24.25
CA LEU A 534 -16.72 16.47 23.45
C LEU A 534 -16.11 15.17 22.89
N LYS A 535 -16.96 14.15 22.63
CA LYS A 535 -16.50 12.92 21.99
C LYS A 535 -16.59 13.18 20.48
N LEU A 536 -15.43 13.27 19.85
CA LEU A 536 -15.30 13.57 18.43
C LEU A 536 -15.41 12.31 17.60
N THR A 537 -16.40 12.32 16.68
CA THR A 537 -16.75 11.22 15.77
C THR A 537 -16.35 11.55 14.31
N PRO A 538 -16.10 10.53 13.44
CA PRO A 538 -15.71 10.82 12.05
C PRO A 538 -16.66 11.79 11.33
N ILE A 539 -16.08 12.79 10.63
CA ILE A 539 -16.85 13.82 9.92
C ILE A 539 -17.32 13.27 8.57
N PRO A 540 -18.64 13.23 8.27
CA PRO A 540 -19.10 12.65 6.99
C PRO A 540 -18.51 13.32 5.74
N ALA A 541 -18.25 14.63 5.82
CA ALA A 541 -17.67 15.41 4.71
C ALA A 541 -16.24 14.99 4.32
N ALA A 542 -15.48 14.41 5.29
CA ALA A 542 -14.09 13.96 5.09
C ALA A 542 -13.96 12.89 4.01
N SER A 543 -14.94 11.95 3.94
CA SER A 543 -14.94 10.86 2.96
C SER A 543 -15.19 11.35 1.53
N ARG A 544 -15.96 12.45 1.40
CA ARG A 544 -16.32 13.09 0.13
C ARG A 544 -15.17 13.90 -0.47
N LEU A 545 -14.19 14.30 0.36
CA LEU A 545 -13.03 15.10 -0.05
C LEU A 545 -12.16 14.41 -1.09
N ASP A 546 -12.01 15.06 -2.26
CA ASP A 546 -11.17 14.56 -3.33
C ASP A 546 -9.73 14.96 -2.99
N LEU A 547 -9.02 14.06 -2.33
CA LEU A 547 -7.64 14.26 -1.93
C LEU A 547 -6.67 13.54 -2.85
N SER A 548 -7.10 13.29 -4.10
CA SER A 548 -6.24 12.70 -5.12
C SER A 548 -5.30 13.82 -5.60
N GLY A 549 -4.08 13.44 -5.96
CA GLY A 549 -3.07 14.43 -6.34
C GLY A 549 -2.27 14.86 -5.13
N TRP A 550 -2.84 14.64 -3.91
CA TRP A 550 -2.17 14.88 -2.65
C TRP A 550 -1.35 13.62 -2.37
N PHE A 551 -0.07 13.83 -2.00
CA PHE A 551 0.91 12.81 -1.61
C PHE A 551 1.10 11.73 -2.69
N VAL A 552 1.54 12.20 -3.85
CA VAL A 552 1.89 11.38 -5.01
C VAL A 552 3.36 11.67 -5.26
N ALA A 553 3.66 12.94 -5.48
CA ALA A 553 5.02 13.37 -5.78
C ALA A 553 5.32 14.78 -5.24
N GLY A 554 6.59 15.14 -5.30
CA GLY A 554 7.06 16.47 -4.97
C GLY A 554 7.19 17.28 -6.25
N TYR A 555 6.81 18.55 -6.18
CA TYR A 555 6.82 19.45 -7.32
C TYR A 555 7.44 20.82 -6.98
N SER A 556 8.42 20.87 -6.04
N SER A 556 8.43 20.87 -6.04
CA SER A 556 9.08 22.14 -5.64
CA SER A 556 9.10 22.14 -5.64
C SER A 556 9.76 22.78 -6.83
C SER A 556 9.76 22.77 -6.85
N GLY A 557 9.37 24.02 -7.12
CA GLY A 557 9.84 24.82 -8.24
C GLY A 557 9.16 24.45 -9.55
N GLY A 558 8.32 23.41 -9.50
CA GLY A 558 7.69 22.81 -10.66
C GLY A 558 6.48 23.51 -11.25
N ASP A 559 6.07 24.65 -10.67
CA ASP A 559 4.95 25.45 -11.16
C ASP A 559 3.65 24.59 -11.29
N ILE A 560 3.31 23.84 -10.22
CA ILE A 560 2.15 22.94 -10.20
C ILE A 560 1.04 23.46 -9.29
N TYR A 561 -0.19 23.47 -9.81
CA TYR A 561 -1.40 23.90 -9.13
C TYR A 561 -2.42 22.78 -9.25
N HIS A 562 -2.74 22.13 -8.11
CA HIS A 562 -3.62 20.94 -7.96
C HIS A 562 -3.12 19.75 -8.83
N HIS B 1 -33.63 -13.72 14.01
CA HIS B 1 -32.89 -14.72 13.25
C HIS B 1 -32.25 -14.15 11.95
N MET B 2 -32.07 -12.82 11.89
CA MET B 2 -31.40 -12.13 10.80
C MET B 2 -29.88 -12.34 10.94
N SER B 3 -29.20 -12.58 9.80
CA SER B 3 -27.74 -12.77 9.76
C SER B 3 -27.00 -11.54 10.27
N TYR B 4 -27.55 -10.36 10.00
CA TYR B 4 -26.99 -9.05 10.35
C TYR B 4 -28.07 -8.05 10.63
N THR B 5 -27.75 -7.01 11.43
CA THR B 5 -28.54 -5.81 11.68
C THR B 5 -27.60 -4.66 11.41
N TRP B 6 -28.10 -3.60 10.78
CA TRP B 6 -27.26 -2.47 10.38
C TRP B 6 -27.71 -1.15 10.99
N THR B 7 -26.78 -0.20 11.14
CA THR B 7 -27.07 1.11 11.75
C THR B 7 -27.19 2.21 10.72
N GLY B 8 -26.49 2.06 9.60
CA GLY B 8 -26.47 3.06 8.56
C GLY B 8 -25.08 3.62 8.37
N ALA B 9 -24.18 3.38 9.35
CA ALA B 9 -22.79 3.81 9.25
C ALA B 9 -22.17 2.96 8.16
N LEU B 10 -21.44 3.63 7.26
CA LEU B 10 -20.80 3.04 6.10
C LEU B 10 -19.63 2.15 6.45
N ILE B 11 -19.36 1.14 5.60
CA ILE B 11 -18.18 0.28 5.71
C ILE B 11 -17.13 1.12 4.99
N THR B 12 -16.15 1.57 5.75
CA THR B 12 -15.15 2.53 5.28
C THR B 12 -13.81 1.90 4.89
N PRO B 13 -13.08 2.47 3.90
CA PRO B 13 -11.76 1.92 3.56
C PRO B 13 -10.69 2.30 4.61
N CYS B 14 -9.51 1.66 4.54
CA CYS B 14 -8.37 1.96 5.42
C CYS B 14 -7.42 2.93 4.73
N ALA B 15 -7.27 2.77 3.41
CA ALA B 15 -6.41 3.60 2.56
C ALA B 15 -7.13 3.92 1.24
N ALA B 16 -6.38 4.45 0.26
CA ALA B 16 -6.85 4.79 -1.08
C ALA B 16 -7.19 3.51 -1.79
N GLU B 17 -8.34 3.48 -2.46
CA GLU B 17 -8.77 2.29 -3.18
C GLU B 17 -8.72 2.49 -4.68
N GLU B 18 -8.11 1.56 -5.41
CA GLU B 18 -8.08 1.59 -6.86
C GLU B 18 -9.06 0.55 -7.38
N SER B 19 -9.90 0.91 -8.34
CA SER B 19 -10.84 -0.01 -8.93
C SER B 19 -10.46 -0.33 -10.39
N LYS B 20 -9.90 0.66 -11.11
CA LYS B 20 -9.47 0.53 -12.50
C LYS B 20 -8.10 -0.13 -12.53
N LEU B 21 -7.87 -1.05 -13.48
CA LEU B 21 -6.58 -1.74 -13.65
C LEU B 21 -5.40 -0.76 -13.84
N PRO B 22 -4.36 -0.76 -12.96
CA PRO B 22 -3.21 0.14 -13.18
C PRO B 22 -2.39 -0.34 -14.37
N ILE B 23 -1.89 0.59 -15.16
CA ILE B 23 -1.14 0.27 -16.36
C ILE B 23 0.32 0.69 -16.21
N ASN B 24 1.23 -0.18 -16.64
CA ASN B 24 2.65 0.13 -16.69
C ASN B 24 3.21 -0.34 -18.05
N ALA B 25 4.52 -0.28 -18.27
CA ALA B 25 5.17 -0.69 -19.52
C ALA B 25 5.04 -2.20 -19.82
N LEU B 26 4.72 -3.02 -18.80
CA LEU B 26 4.62 -4.48 -18.92
C LEU B 26 3.23 -5.01 -19.18
N SER B 27 2.17 -4.23 -18.82
CA SER B 27 0.76 -4.59 -18.92
C SER B 27 0.34 -5.18 -20.26
N ASN B 28 0.61 -4.48 -21.37
CA ASN B 28 0.24 -4.85 -22.72
C ASN B 28 0.87 -6.16 -23.22
N SER B 29 1.98 -6.60 -22.63
CA SER B 29 2.56 -7.88 -23.04
C SER B 29 1.73 -9.03 -22.46
N LEU B 30 0.92 -8.76 -21.42
CA LEU B 30 0.03 -9.76 -20.83
C LEU B 30 -1.43 -9.63 -21.28
N LEU B 31 -2.04 -8.43 -21.19
CA LEU B 31 -3.48 -8.20 -21.40
C LEU B 31 -3.72 -6.85 -22.04
N ARG B 32 -4.46 -6.81 -23.16
CA ARG B 32 -4.75 -5.55 -23.87
C ARG B 32 -6.13 -4.96 -23.56
N HIS B 33 -7.12 -5.80 -23.13
CA HIS B 33 -8.48 -5.35 -22.81
C HIS B 33 -8.60 -4.95 -21.33
N HIS B 34 -7.92 -3.85 -20.98
CA HIS B 34 -7.81 -3.27 -19.64
C HIS B 34 -9.14 -2.98 -18.95
N ASN B 35 -10.15 -2.51 -19.71
CA ASN B 35 -11.49 -2.16 -19.22
C ASN B 35 -12.27 -3.35 -18.65
N MET B 36 -11.83 -4.60 -18.97
N MET B 36 -11.83 -4.58 -18.96
CA MET B 36 -12.43 -5.85 -18.50
CA MET B 36 -12.47 -5.81 -18.48
C MET B 36 -12.03 -6.17 -17.06
C MET B 36 -12.01 -6.20 -17.07
N VAL B 37 -10.87 -5.65 -16.61
CA VAL B 37 -10.32 -5.94 -15.28
C VAL B 37 -10.61 -4.81 -14.28
N TYR B 38 -11.09 -5.18 -13.09
CA TYR B 38 -11.40 -4.23 -12.04
C TYR B 38 -11.10 -4.83 -10.68
N ALA B 39 -11.06 -3.97 -9.66
CA ALA B 39 -10.93 -4.38 -8.28
C ALA B 39 -12.18 -3.92 -7.55
N THR B 40 -12.69 -4.73 -6.60
CA THR B 40 -13.85 -4.33 -5.78
C THR B 40 -13.36 -3.35 -4.72
N THR B 41 -14.21 -2.40 -4.29
CA THR B 41 -13.86 -1.39 -3.28
C THR B 41 -15.00 -1.25 -2.29
N SER B 42 -14.79 -0.45 -1.22
CA SER B 42 -15.82 -0.14 -0.22
C SER B 42 -17.06 0.56 -0.84
N ARG B 43 -16.94 1.06 -2.10
CA ARG B 43 -18.05 1.75 -2.81
C ARG B 43 -19.22 0.83 -3.10
N SER B 44 -18.94 -0.48 -3.25
CA SER B 44 -19.97 -1.49 -3.54
C SER B 44 -20.42 -2.26 -2.27
N ALA B 45 -19.80 -1.98 -1.08
CA ALA B 45 -20.11 -2.68 0.18
C ALA B 45 -21.59 -2.69 0.57
N GLY B 46 -22.31 -1.60 0.25
CA GLY B 46 -23.74 -1.46 0.49
C GLY B 46 -24.59 -2.53 -0.20
N LEU B 47 -24.23 -2.86 -1.46
CA LEU B 47 -24.88 -3.91 -2.25
C LEU B 47 -24.62 -5.28 -1.61
N ARG B 48 -23.38 -5.53 -1.14
CA ARG B 48 -23.03 -6.79 -0.47
C ARG B 48 -23.81 -6.94 0.82
N GLN B 49 -23.97 -5.84 1.60
CA GLN B 49 -24.74 -5.81 2.85
C GLN B 49 -26.16 -6.30 2.60
N LYS B 50 -26.79 -5.86 1.49
CA LYS B 50 -28.13 -6.27 1.09
C LYS B 50 -28.22 -7.77 0.79
N LYS B 51 -27.22 -8.31 0.07
CA LYS B 51 -27.18 -9.74 -0.31
C LYS B 51 -26.99 -10.71 0.86
N VAL B 52 -26.15 -10.35 1.86
CA VAL B 52 -25.81 -11.20 2.99
C VAL B 52 -26.79 -11.06 4.16
N THR B 53 -27.82 -10.20 4.04
CA THR B 53 -28.79 -9.95 5.11
C THR B 53 -30.12 -10.63 4.83
N PHE B 54 -30.41 -11.71 5.58
CA PHE B 54 -31.63 -12.50 5.46
C PHE B 54 -31.91 -13.25 6.74
N ASP B 55 -33.16 -13.66 6.90
CA ASP B 55 -33.61 -14.43 8.05
C ASP B 55 -33.23 -15.87 7.80
N ARG B 56 -32.79 -16.58 8.83
CA ARG B 56 -32.44 -17.98 8.69
C ARG B 56 -33.42 -18.77 9.53
N LEU B 57 -33.87 -19.88 8.98
CA LEU B 57 -34.79 -20.79 9.63
C LEU B 57 -34.14 -22.17 9.63
N GLN B 58 -34.27 -22.89 10.74
CA GLN B 58 -33.70 -24.21 10.87
C GLN B 58 -34.63 -25.25 11.43
N VAL B 59 -34.74 -26.34 10.70
CA VAL B 59 -35.56 -27.48 11.09
C VAL B 59 -34.60 -28.68 11.19
N LEU B 60 -34.30 -29.12 12.44
CA LEU B 60 -33.35 -30.20 12.66
C LEU B 60 -34.02 -31.55 12.95
N ASP B 61 -33.83 -32.51 12.04
CA ASP B 61 -34.45 -33.84 12.13
C ASP B 61 -33.48 -34.88 12.70
N ASP B 62 -33.90 -36.16 12.70
CA ASP B 62 -33.15 -37.27 13.23
C ASP B 62 -31.88 -37.59 12.42
N HIS B 63 -31.87 -37.38 11.09
CA HIS B 63 -30.66 -37.60 10.28
C HIS B 63 -29.53 -36.65 10.73
N TYR B 64 -29.87 -35.40 11.06
CA TYR B 64 -28.94 -34.36 11.52
C TYR B 64 -28.27 -34.75 12.85
N ARG B 65 -29.09 -35.14 13.85
CA ARG B 65 -28.59 -35.55 15.18
C ARG B 65 -27.83 -36.87 15.11
N ASP B 66 -28.25 -37.80 14.21
CA ASP B 66 -27.54 -39.08 14.02
C ASP B 66 -26.11 -38.82 13.57
N VAL B 67 -25.96 -37.95 12.54
CA VAL B 67 -24.68 -37.57 11.96
C VAL B 67 -23.84 -36.83 12.99
N LEU B 68 -24.45 -35.88 13.73
CA LEU B 68 -23.77 -35.13 14.76
C LEU B 68 -23.25 -36.08 15.86
N LYS B 69 -24.07 -37.03 16.33
CA LYS B 69 -23.62 -37.99 17.37
C LYS B 69 -22.40 -38.81 16.89
N GLU B 70 -22.36 -39.19 15.60
CA GLU B 70 -21.24 -39.95 15.04
C GLU B 70 -19.98 -39.10 14.96
N MET B 71 -20.12 -37.85 14.55
CA MET B 71 -19.02 -36.87 14.45
C MET B 71 -18.40 -36.60 15.81
N LYS B 72 -19.25 -36.48 16.84
CA LYS B 72 -18.81 -36.23 18.23
C LYS B 72 -18.06 -37.43 18.78
N ALA B 73 -18.44 -38.66 18.36
CA ALA B 73 -17.77 -39.90 18.79
C ALA B 73 -16.34 -39.95 18.24
N LYS B 74 -16.15 -39.54 16.99
CA LYS B 74 -14.82 -39.46 16.37
C LYS B 74 -14.05 -38.27 17.00
N ALA B 75 -14.74 -37.13 17.24
CA ALA B 75 -14.09 -35.95 17.85
C ALA B 75 -13.54 -36.25 19.25
N SER B 76 -14.19 -37.16 19.98
CA SER B 76 -13.78 -37.57 21.34
C SER B 76 -12.44 -38.31 21.37
N THR B 77 -11.90 -38.75 20.20
CA THR B 77 -10.60 -39.43 20.12
C THR B 77 -9.44 -38.39 19.98
N VAL B 78 -9.78 -37.12 19.72
CA VAL B 78 -8.79 -36.08 19.50
C VAL B 78 -8.26 -35.54 20.81
N LYS B 79 -6.93 -35.43 20.90
CA LYS B 79 -6.23 -34.80 22.01
C LYS B 79 -5.62 -33.54 21.41
N ALA B 80 -5.95 -32.38 21.95
CA ALA B 80 -5.36 -31.14 21.44
C ALA B 80 -4.61 -30.36 22.50
N LYS B 81 -3.51 -29.74 22.08
CA LYS B 81 -2.68 -28.97 22.97
C LYS B 81 -2.91 -27.47 22.89
N LEU B 82 -2.59 -26.78 23.99
CA LEU B 82 -2.60 -25.33 24.07
C LEU B 82 -1.28 -24.89 23.50
N LEU B 83 -1.30 -23.85 22.69
CA LEU B 83 -0.06 -23.26 22.20
C LEU B 83 0.38 -22.21 23.20
N SER B 84 1.70 -22.01 23.33
CA SER B 84 2.26 -20.94 24.18
C SER B 84 2.04 -19.60 23.46
N VAL B 85 2.20 -18.44 24.19
CA VAL B 85 2.10 -17.11 23.57
C VAL B 85 3.08 -17.03 22.41
N GLU B 86 4.34 -17.50 22.61
CA GLU B 86 5.44 -17.53 21.62
C GLU B 86 5.09 -18.27 20.33
N GLU B 87 4.57 -19.51 20.46
CA GLU B 87 4.15 -20.32 19.32
C GLU B 87 3.04 -19.60 18.54
N ALA B 88 2.06 -19.01 19.25
CA ALA B 88 0.94 -18.29 18.62
C ALA B 88 1.42 -17.01 17.91
N CYS B 89 2.38 -16.30 18.53
CA CYS B 89 3.00 -15.07 18.00
C CYS B 89 3.71 -15.35 16.67
N LYS B 90 4.43 -16.47 16.58
CA LYS B 90 5.21 -16.86 15.41
C LYS B 90 4.36 -17.32 14.21
N LEU B 91 3.08 -17.64 14.43
CA LEU B 91 2.16 -18.03 13.35
C LEU B 91 1.48 -16.77 12.79
N THR B 92 1.76 -15.61 13.38
CA THR B 92 1.16 -14.34 12.98
C THR B 92 1.83 -13.78 11.72
N PRO B 93 1.08 -13.49 10.64
CA PRO B 93 1.72 -12.91 9.43
C PRO B 93 2.44 -11.57 9.67
N PRO B 94 3.66 -11.37 9.10
CA PRO B 94 4.37 -10.10 9.31
C PRO B 94 3.57 -8.82 9.01
N HIS B 95 2.64 -8.86 8.04
CA HIS B 95 1.85 -7.68 7.71
C HIS B 95 0.36 -7.80 8.12
N SER B 96 0.10 -8.55 9.22
CA SER B 96 -1.24 -8.73 9.78
C SER B 96 -1.71 -7.39 10.38
N ALA B 97 -3.02 -7.10 10.33
CA ALA B 97 -3.62 -5.87 10.86
C ALA B 97 -3.15 -5.59 12.29
N LYS B 98 -2.59 -4.40 12.53
CA LYS B 98 -2.11 -3.98 13.84
C LYS B 98 -3.23 -3.94 14.88
N SER B 99 -2.86 -4.10 16.15
CA SER B 99 -3.82 -4.00 17.25
C SER B 99 -4.21 -2.52 17.46
N LYS B 100 -5.41 -2.27 18.03
CA LYS B 100 -5.91 -0.95 18.42
C LYS B 100 -5.23 -0.52 19.73
N PHE B 101 -4.52 -1.45 20.39
CA PHE B 101 -3.89 -1.27 21.69
C PHE B 101 -2.39 -0.97 21.61
N GLY B 102 -1.98 -0.33 20.53
CA GLY B 102 -0.63 0.20 20.36
C GLY B 102 0.52 -0.72 20.08
N TYR B 103 0.30 -1.76 19.28
CA TYR B 103 1.35 -2.67 18.85
C TYR B 103 0.90 -3.34 17.58
N GLY B 104 1.85 -3.78 16.77
CA GLY B 104 1.57 -4.41 15.49
C GLY B 104 2.05 -5.84 15.35
N ALA B 105 1.80 -6.42 14.17
CA ALA B 105 2.19 -7.78 13.81
C ALA B 105 3.68 -8.05 13.98
N LYS B 106 4.56 -7.05 13.73
CA LYS B 106 6.01 -7.25 13.91
C LYS B 106 6.42 -7.24 15.39
N ASP B 107 5.66 -6.53 16.24
CA ASP B 107 5.87 -6.49 17.69
C ASP B 107 5.48 -7.84 18.29
N VAL B 108 4.40 -8.47 17.73
CA VAL B 108 3.88 -9.79 18.12
C VAL B 108 4.93 -10.86 17.77
N ARG B 109 5.40 -10.85 16.51
CA ARG B 109 6.42 -11.78 16.00
C ARG B 109 7.75 -11.62 16.74
N ASN B 110 8.11 -10.39 17.20
CA ASN B 110 9.36 -10.13 17.93
C ASN B 110 9.27 -10.43 19.42
N LEU B 111 8.08 -10.88 19.88
CA LEU B 111 7.77 -11.22 21.27
C LEU B 111 7.99 -10.01 22.20
N SER B 112 7.70 -8.79 21.69
CA SER B 112 7.87 -7.56 22.45
C SER B 112 7.01 -7.59 23.70
N SER B 113 7.56 -7.11 24.82
CA SER B 113 6.90 -7.07 26.13
C SER B 113 5.49 -6.43 26.06
N LYS B 114 5.33 -5.32 25.35
CA LYS B 114 4.03 -4.63 25.22
C LYS B 114 2.95 -5.57 24.62
N ALA B 115 3.28 -6.22 23.47
CA ALA B 115 2.40 -7.14 22.74
C ALA B 115 2.05 -8.34 23.58
N VAL B 116 3.07 -9.02 24.14
CA VAL B 116 2.95 -10.22 24.99
C VAL B 116 2.16 -9.93 26.27
N ASN B 117 2.37 -8.74 26.88
CA ASN B 117 1.61 -8.37 28.08
C ASN B 117 0.15 -8.13 27.74
N HIS B 118 -0.13 -7.58 26.53
CA HIS B 118 -1.53 -7.37 26.11
C HIS B 118 -2.23 -8.71 25.81
N ILE B 119 -1.56 -9.61 25.07
CA ILE B 119 -2.08 -10.96 24.77
C ILE B 119 -2.41 -11.71 26.08
N HIS B 120 -1.52 -11.63 27.09
CA HIS B 120 -1.76 -12.25 28.39
C HIS B 120 -3.01 -11.65 29.08
N SER B 121 -3.23 -10.32 28.96
CA SER B 121 -4.41 -9.70 29.56
C SER B 121 -5.71 -10.05 28.81
N VAL B 122 -5.67 -10.25 27.46
CA VAL B 122 -6.83 -10.68 26.66
C VAL B 122 -7.19 -12.11 27.06
N TRP B 123 -6.15 -12.98 27.21
CA TRP B 123 -6.30 -14.37 27.64
C TRP B 123 -6.99 -14.45 29.01
N LYS B 124 -6.50 -13.68 30.01
CA LYS B 124 -7.10 -13.61 31.35
C LYS B 124 -8.56 -13.15 31.24
N ASP B 125 -8.85 -12.17 30.34
CA ASP B 125 -10.22 -11.68 30.12
C ASP B 125 -11.14 -12.77 29.52
N LEU B 126 -10.63 -13.58 28.57
CA LEU B 126 -11.41 -14.69 27.99
C LEU B 126 -11.74 -15.72 29.09
N LEU B 127 -10.79 -15.98 30.00
CA LEU B 127 -10.99 -16.93 31.10
C LEU B 127 -11.99 -16.44 32.15
N GLU B 128 -11.92 -15.16 32.52
CA GLU B 128 -12.80 -14.56 33.54
C GLU B 128 -14.18 -14.12 33.04
N ASP B 129 -14.31 -13.82 31.75
CA ASP B 129 -15.57 -13.30 31.19
C ASP B 129 -15.93 -14.12 29.96
N THR B 130 -17.11 -14.74 29.97
CA THR B 130 -17.59 -15.58 28.87
C THR B 130 -18.90 -15.02 28.29
N VAL B 131 -19.22 -13.74 28.51
N VAL B 131 -19.24 -13.74 28.54
CA VAL B 131 -20.49 -13.15 28.05
CA VAL B 131 -20.53 -13.13 28.15
C VAL B 131 -20.31 -11.90 27.17
C VAL B 131 -20.42 -11.81 27.32
N THR B 132 -19.35 -11.00 27.49
CA THR B 132 -19.22 -9.72 26.76
C THR B 132 -18.92 -9.88 25.27
N PRO B 133 -19.82 -9.42 24.34
CA PRO B 133 -19.48 -9.49 22.92
C PRO B 133 -18.15 -8.78 22.64
N ILE B 134 -17.30 -9.47 21.86
CA ILE B 134 -15.98 -8.98 21.50
C ILE B 134 -16.16 -8.14 20.23
N ASP B 135 -15.55 -6.96 20.20
CA ASP B 135 -15.61 -6.07 19.05
C ASP B 135 -14.91 -6.67 17.82
N THR B 136 -15.42 -6.36 16.62
CA THR B 136 -14.80 -6.82 15.37
C THR B 136 -14.80 -5.66 14.39
N THR B 137 -13.83 -5.67 13.47
CA THR B 137 -13.73 -4.69 12.39
C THR B 137 -14.38 -5.29 11.12
N ILE B 138 -15.28 -4.55 10.46
CA ILE B 138 -15.88 -4.98 9.19
C ILE B 138 -15.19 -4.16 8.06
N MET B 139 -14.66 -4.86 7.02
N MET B 139 -14.70 -4.86 7.01
CA MET B 139 -13.97 -4.23 5.88
CA MET B 139 -14.02 -4.22 5.88
C MET B 139 -14.42 -4.81 4.55
C MET B 139 -14.42 -4.81 4.54
N ALA B 140 -14.37 -3.98 3.49
CA ALA B 140 -14.65 -4.42 2.13
C ALA B 140 -13.30 -4.93 1.60
N LYS B 141 -13.28 -6.17 1.10
CA LYS B 141 -12.05 -6.73 0.52
C LYS B 141 -11.80 -6.07 -0.83
N ASN B 142 -10.53 -5.89 -1.20
CA ASN B 142 -10.15 -5.33 -2.50
C ASN B 142 -9.64 -6.50 -3.33
N GLU B 143 -10.53 -7.09 -4.15
CA GLU B 143 -10.21 -8.25 -4.99
C GLU B 143 -10.46 -7.95 -6.44
N VAL B 144 -9.59 -8.50 -7.29
CA VAL B 144 -9.54 -8.32 -8.72
C VAL B 144 -10.33 -9.40 -9.46
N PHE B 145 -11.11 -8.96 -10.46
CA PHE B 145 -11.92 -9.87 -11.28
C PHE B 145 -11.99 -9.37 -12.70
N CYS B 146 -12.56 -10.19 -13.56
CA CYS B 146 -12.88 -9.81 -14.91
C CYS B 146 -14.41 -9.57 -14.94
N VAL B 147 -14.86 -8.57 -15.70
CA VAL B 147 -16.30 -8.26 -15.84
C VAL B 147 -17.04 -9.42 -16.54
N GLN B 148 -18.37 -9.55 -16.25
CA GLN B 148 -19.32 -10.54 -16.81
C GLN B 148 -18.84 -11.99 -16.63
N ARG B 154 -20.25 -6.31 -12.70
CA ARG B 154 -19.30 -6.23 -11.60
C ARG B 154 -19.85 -6.80 -10.32
N LYS B 155 -19.06 -7.64 -9.63
CA LYS B 155 -19.42 -8.26 -8.36
C LYS B 155 -19.23 -7.21 -7.26
N PRO B 156 -20.14 -7.10 -6.26
CA PRO B 156 -19.86 -6.18 -5.14
C PRO B 156 -18.77 -6.77 -4.24
N ALA B 157 -18.09 -5.90 -3.50
CA ALA B 157 -17.00 -6.26 -2.58
C ALA B 157 -17.42 -7.30 -1.58
N ARG B 158 -16.55 -8.28 -1.33
CA ARG B 158 -16.81 -9.27 -0.31
C ARG B 158 -16.43 -8.61 1.02
N LEU B 159 -17.03 -9.07 2.11
CA LEU B 159 -16.78 -8.48 3.41
C LEU B 159 -15.91 -9.38 4.28
N ILE B 160 -15.03 -8.77 5.07
CA ILE B 160 -14.17 -9.46 6.05
C ILE B 160 -14.45 -8.90 7.43
N VAL B 161 -14.68 -9.79 8.41
CA VAL B 161 -14.99 -9.44 9.79
C VAL B 161 -13.96 -10.13 10.68
N PHE B 162 -13.17 -9.34 11.40
CA PHE B 162 -12.10 -9.85 12.22
C PHE B 162 -11.93 -9.18 13.59
N PRO B 163 -11.55 -9.94 14.65
CA PRO B 163 -11.29 -9.28 15.93
C PRO B 163 -9.88 -8.72 15.96
N ASP B 164 -9.55 -7.96 17.01
CA ASP B 164 -8.23 -7.33 17.23
C ASP B 164 -7.11 -8.36 17.25
N LEU B 165 -5.88 -7.93 16.90
CA LEU B 165 -4.67 -8.74 16.84
C LEU B 165 -4.45 -9.56 18.13
N GLY B 166 -4.68 -8.92 19.30
CA GLY B 166 -4.57 -9.57 20.61
C GLY B 166 -5.49 -10.76 20.76
N VAL B 167 -6.75 -10.64 20.27
CA VAL B 167 -7.74 -11.74 20.28
C VAL B 167 -7.31 -12.86 19.31
N ARG B 168 -6.78 -12.50 18.16
CA ARG B 168 -6.33 -13.46 17.14
C ARG B 168 -5.20 -14.34 17.64
N VAL B 169 -4.26 -13.79 18.45
CA VAL B 169 -3.15 -14.57 19.04
C VAL B 169 -3.78 -15.56 20.06
N CYS B 170 -4.79 -15.09 20.82
CA CYS B 170 -5.52 -15.91 21.79
C CYS B 170 -6.27 -17.06 21.14
N GLU B 171 -6.87 -16.82 19.95
CA GLU B 171 -7.55 -17.85 19.17
C GLU B 171 -6.57 -18.98 18.82
N LYS B 172 -5.32 -18.60 18.43
CA LYS B 172 -4.25 -19.54 18.07
C LYS B 172 -3.89 -20.41 19.26
N MET B 173 -3.68 -19.79 20.44
N MET B 173 -3.69 -19.77 20.43
CA MET B 173 -3.35 -20.52 21.66
CA MET B 173 -3.37 -20.42 21.70
C MET B 173 -4.39 -21.59 22.00
C MET B 173 -4.37 -21.53 22.04
N ALA B 174 -5.68 -21.22 21.97
CA ALA B 174 -6.78 -22.12 22.31
C ALA B 174 -7.18 -23.14 21.26
N LEU B 175 -7.13 -22.75 19.96
CA LEU B 175 -7.72 -23.55 18.88
C LEU B 175 -6.83 -23.92 17.71
N TYR B 176 -5.59 -23.39 17.60
CA TYR B 176 -4.76 -23.79 16.45
C TYR B 176 -4.60 -25.31 16.28
N ASP B 177 -4.27 -26.01 17.39
CA ASP B 177 -4.07 -27.46 17.33
C ASP B 177 -5.39 -28.18 17.03
N VAL B 178 -6.52 -27.67 17.57
CA VAL B 178 -7.87 -28.19 17.33
C VAL B 178 -8.21 -28.11 15.82
N VAL B 179 -8.19 -26.89 15.24
CA VAL B 179 -8.59 -26.65 13.84
C VAL B 179 -7.64 -27.36 12.84
N SER B 180 -6.44 -27.73 13.29
CA SER B 180 -5.46 -28.44 12.48
C SER B 180 -5.62 -29.97 12.49
N THR B 181 -6.10 -30.57 13.60
N THR B 181 -6.08 -30.55 13.61
CA THR B 181 -6.18 -32.04 13.71
CA THR B 181 -6.18 -32.00 13.84
C THR B 181 -7.60 -32.62 13.77
C THR B 181 -7.58 -32.59 13.75
N LEU B 182 -8.58 -31.89 14.33
CA LEU B 182 -9.97 -32.35 14.44
C LEU B 182 -10.66 -32.70 13.11
N PRO B 183 -10.64 -31.84 12.03
CA PRO B 183 -11.43 -32.16 10.83
C PRO B 183 -11.11 -33.50 10.17
N GLN B 184 -9.81 -33.84 10.05
CA GLN B 184 -9.42 -35.11 9.44
C GLN B 184 -9.83 -36.30 10.31
N VAL B 185 -9.78 -36.14 11.64
CA VAL B 185 -10.22 -37.23 12.51
C VAL B 185 -11.76 -37.46 12.38
N VAL B 186 -12.54 -36.37 12.32
CA VAL B 186 -13.99 -36.45 12.20
C VAL B 186 -14.46 -36.94 10.82
N MET B 187 -13.80 -36.48 9.75
CA MET B 187 -14.23 -36.73 8.38
C MET B 187 -13.38 -37.70 7.58
N GLY B 188 -12.24 -38.10 8.11
CA GLY B 188 -11.33 -38.99 7.40
C GLY B 188 -10.95 -38.45 6.04
N SER B 189 -11.09 -39.29 5.02
CA SER B 189 -10.71 -38.99 3.63
C SER B 189 -11.52 -37.85 2.97
N SER B 190 -12.73 -37.52 3.50
CA SER B 190 -13.65 -36.46 3.06
C SER B 190 -13.13 -35.04 3.30
N TYR B 191 -12.12 -34.89 4.17
CA TYR B 191 -11.54 -33.60 4.50
C TYR B 191 -10.54 -33.22 3.41
N GLY B 192 -10.93 -32.27 2.57
CA GLY B 192 -10.15 -31.85 1.41
C GLY B 192 -8.83 -31.15 1.64
N PHE B 193 -8.68 -30.43 2.76
CA PHE B 193 -7.47 -29.63 3.03
C PHE B 193 -6.23 -30.45 3.45
N GLN B 194 -6.36 -31.77 3.66
CA GLN B 194 -5.22 -32.62 4.01
C GLN B 194 -4.43 -33.04 2.73
N TYR B 195 -4.97 -32.71 1.54
CA TYR B 195 -4.40 -33.12 0.25
C TYR B 195 -3.70 -32.04 -0.50
N SER B 196 -2.64 -32.44 -1.19
CA SER B 196 -1.95 -31.60 -2.15
C SER B 196 -2.87 -31.66 -3.40
N PRO B 197 -2.74 -30.83 -4.46
CA PRO B 197 -3.61 -31.03 -5.64
C PRO B 197 -3.53 -32.44 -6.27
N GLY B 198 -2.32 -33.04 -6.25
CA GLY B 198 -2.05 -34.37 -6.77
C GLY B 198 -2.78 -35.46 -6.02
N GLN B 199 -2.79 -35.34 -4.67
CA GLN B 199 -3.48 -36.26 -3.78
C GLN B 199 -4.98 -36.09 -3.92
N ARG B 200 -5.47 -34.84 -4.15
CA ARG B 200 -6.90 -34.55 -4.35
C ARG B 200 -7.40 -35.24 -5.65
N VAL B 201 -6.61 -35.15 -6.73
CA VAL B 201 -6.92 -35.77 -8.03
C VAL B 201 -7.03 -37.31 -7.85
N GLU B 202 -6.07 -37.89 -7.13
CA GLU B 202 -5.95 -39.30 -6.79
C GLU B 202 -7.17 -39.76 -5.96
N PHE B 203 -7.60 -38.93 -4.97
CA PHE B 203 -8.78 -39.24 -4.17
C PHE B 203 -10.06 -39.24 -5.04
N LEU B 204 -10.21 -38.25 -5.94
CA LEU B 204 -11.38 -38.12 -6.81
C LEU B 204 -11.47 -39.24 -7.83
N VAL B 205 -10.32 -39.67 -8.40
CA VAL B 205 -10.27 -40.77 -9.37
C VAL B 205 -10.58 -42.13 -8.67
N ASN B 206 -9.96 -42.39 -7.51
CA ASN B 206 -10.19 -43.63 -6.77
C ASN B 206 -11.63 -43.77 -6.31
N THR B 207 -12.26 -42.64 -5.90
CA THR B 207 -13.67 -42.57 -5.48
C THR B 207 -14.59 -42.84 -6.68
N TRP B 208 -14.33 -42.17 -7.83
CA TRP B 208 -15.11 -42.32 -9.06
C TRP B 208 -15.13 -43.81 -9.49
N LYS B 209 -13.94 -44.46 -9.50
CA LYS B 209 -13.70 -45.88 -9.83
C LYS B 209 -14.25 -46.84 -8.75
N SER B 210 -14.49 -46.36 -7.52
CA SER B 210 -15.00 -47.23 -6.45
C SER B 210 -16.51 -47.46 -6.59
N LYS B 211 -17.18 -46.71 -7.49
CA LYS B 211 -18.62 -46.82 -7.72
C LYS B 211 -18.91 -47.62 -8.99
N LYS B 212 -19.94 -48.51 -8.92
CA LYS B 212 -20.39 -49.34 -10.05
C LYS B 212 -20.84 -48.43 -11.19
N ASN B 213 -21.74 -47.49 -10.90
CA ASN B 213 -22.20 -46.49 -11.85
C ASN B 213 -22.03 -45.14 -11.14
N PRO B 214 -20.83 -44.51 -11.23
CA PRO B 214 -20.61 -43.25 -10.50
C PRO B 214 -21.44 -42.08 -11.00
N MET B 215 -21.89 -41.26 -10.06
CA MET B 215 -22.61 -40.01 -10.30
C MET B 215 -22.02 -39.02 -9.32
N GLY B 216 -21.80 -37.80 -9.78
CA GLY B 216 -21.23 -36.78 -8.93
C GLY B 216 -21.82 -35.42 -9.17
N PHE B 217 -21.79 -34.59 -8.13
CA PHE B 217 -22.26 -33.21 -8.20
C PHE B 217 -21.51 -32.35 -7.20
N SER B 218 -21.65 -31.05 -7.35
CA SER B 218 -21.10 -30.11 -6.41
C SER B 218 -22.26 -29.30 -5.86
N TYR B 219 -22.18 -28.91 -4.59
CA TYR B 219 -23.28 -28.14 -4.01
C TYR B 219 -22.82 -26.73 -3.63
N ASP B 220 -23.45 -25.73 -4.23
CA ASP B 220 -23.17 -24.32 -4.03
C ASP B 220 -24.19 -23.75 -3.05
N THR B 221 -23.76 -23.40 -1.83
CA THR B 221 -24.63 -22.77 -0.83
C THR B 221 -24.57 -21.28 -1.12
N ARG B 222 -25.73 -20.61 -1.13
CA ARG B 222 -25.79 -19.17 -1.37
C ARG B 222 -25.36 -18.44 -0.07
N CYS B 223 -24.25 -17.64 -0.11
N CYS B 223 -24.25 -17.65 -0.12
CA CYS B 223 -23.69 -16.87 1.01
CA CYS B 223 -23.65 -16.88 0.99
C CYS B 223 -23.53 -17.76 2.26
C CYS B 223 -23.52 -17.75 2.25
N PHE B 224 -22.72 -18.82 2.16
CA PHE B 224 -22.53 -19.81 3.24
C PHE B 224 -22.33 -19.22 4.64
N ASP B 225 -21.38 -18.28 4.81
CA ASP B 225 -21.15 -17.65 6.12
C ASP B 225 -22.40 -17.08 6.74
N SER B 226 -23.25 -16.39 5.94
CA SER B 226 -24.49 -15.79 6.42
C SER B 226 -25.59 -16.82 6.69
N THR B 227 -25.48 -18.04 6.14
CA THR B 227 -26.44 -19.12 6.42
C THR B 227 -26.13 -19.80 7.76
N VAL B 228 -24.89 -19.61 8.26
CA VAL B 228 -24.44 -20.22 9.52
C VAL B 228 -25.19 -19.55 10.70
N THR B 229 -25.98 -20.35 11.44
CA THR B 229 -26.83 -19.87 12.55
C THR B 229 -26.11 -19.95 13.90
N GLU B 230 -26.72 -19.40 14.97
CA GLU B 230 -26.19 -19.49 16.33
C GLU B 230 -26.08 -20.96 16.75
N ASN B 231 -27.10 -21.77 16.41
CA ASN B 231 -27.14 -23.21 16.66
C ASN B 231 -25.92 -23.89 16.07
N ASP B 232 -25.62 -23.60 14.77
CA ASP B 232 -24.49 -24.19 14.05
C ASP B 232 -23.17 -23.92 14.77
N ILE B 233 -22.99 -22.68 15.22
CA ILE B 233 -21.78 -22.25 15.92
C ILE B 233 -21.65 -22.90 17.32
N ARG B 234 -22.78 -23.12 18.02
CA ARG B 234 -22.81 -23.80 19.33
C ARG B 234 -22.51 -25.29 19.14
N VAL B 235 -23.02 -25.88 18.04
CA VAL B 235 -22.80 -27.27 17.67
C VAL B 235 -21.29 -27.48 17.37
N GLU B 236 -20.65 -26.53 16.65
CA GLU B 236 -19.20 -26.58 16.37
C GLU B 236 -18.45 -26.56 17.70
N GLU B 237 -18.89 -25.72 18.65
CA GLU B 237 -18.24 -25.63 19.96
C GLU B 237 -18.35 -26.94 20.72
N SER B 238 -19.55 -27.59 20.69
CA SER B 238 -19.75 -28.89 21.36
C SER B 238 -18.86 -29.99 20.73
N ILE B 239 -18.57 -29.88 19.40
CA ILE B 239 -17.67 -30.82 18.73
C ILE B 239 -16.23 -30.58 19.26
N TYR B 240 -15.78 -29.30 19.27
CA TYR B 240 -14.43 -28.96 19.78
C TYR B 240 -14.28 -29.46 21.22
N GLN B 241 -15.34 -29.29 22.06
CA GLN B 241 -15.36 -29.73 23.46
C GLN B 241 -15.26 -31.27 23.65
N CYS B 242 -15.51 -32.06 22.59
CA CYS B 242 -15.35 -33.53 22.64
C CYS B 242 -13.89 -33.91 22.76
N CYS B 243 -12.97 -33.03 22.28
CA CYS B 243 -11.54 -33.25 22.35
C CYS B 243 -11.07 -33.31 23.81
N ASP B 244 -9.95 -34.00 24.02
CA ASP B 244 -9.25 -34.06 25.29
C ASP B 244 -8.46 -32.75 25.24
N LEU B 245 -8.85 -31.80 26.09
CA LEU B 245 -8.27 -30.46 26.13
C LEU B 245 -7.88 -30.10 27.57
N ALA B 246 -6.96 -29.15 27.72
CA ALA B 246 -6.58 -28.62 29.03
C ALA B 246 -7.79 -27.79 29.52
N PRO B 247 -8.11 -27.77 30.85
CA PRO B 247 -9.27 -26.98 31.32
C PRO B 247 -9.27 -25.49 30.93
N GLU B 248 -8.09 -24.86 30.83
CA GLU B 248 -7.88 -23.48 30.40
C GLU B 248 -8.30 -23.32 28.91
N ALA B 249 -8.04 -24.35 28.06
CA ALA B 249 -8.43 -24.35 26.64
C ALA B 249 -9.95 -24.49 26.51
N ARG B 250 -10.58 -25.33 27.35
CA ARG B 250 -12.04 -25.52 27.37
C ARG B 250 -12.74 -24.18 27.67
N GLN B 251 -12.23 -23.44 28.67
CA GLN B 251 -12.77 -22.16 29.08
C GLN B 251 -12.62 -21.09 27.97
N ALA B 252 -11.42 -20.98 27.36
CA ALA B 252 -11.17 -20.04 26.26
C ALA B 252 -12.03 -20.32 25.02
N ILE B 253 -12.28 -21.59 24.69
CA ILE B 253 -13.10 -22.04 23.56
C ILE B 253 -14.56 -21.68 23.83
N LYS B 254 -15.01 -21.88 25.07
CA LYS B 254 -16.39 -21.53 25.45
C LYS B 254 -16.56 -20.02 25.34
N SER B 255 -15.61 -19.27 25.90
CA SER B 255 -15.62 -17.80 25.89
C SER B 255 -15.58 -17.21 24.45
N LEU B 256 -14.62 -17.67 23.63
CA LEU B 256 -14.54 -17.22 22.22
C LEU B 256 -15.83 -17.56 21.45
N THR B 257 -16.46 -18.69 21.75
CA THR B 257 -17.73 -19.04 21.09
C THR B 257 -18.82 -18.03 21.47
N GLU B 258 -19.03 -17.79 22.78
CA GLU B 258 -20.09 -16.93 23.28
C GLU B 258 -19.90 -15.48 22.92
N ARG B 259 -18.64 -15.02 23.01
CA ARG B 259 -18.28 -13.63 22.84
C ARG B 259 -17.92 -13.21 21.42
N LEU B 260 -17.43 -14.15 20.59
CA LEU B 260 -16.97 -13.85 19.24
C LEU B 260 -17.59 -14.67 18.13
N TYR B 261 -17.48 -16.01 18.21
CA TYR B 261 -17.91 -16.88 17.12
C TYR B 261 -19.42 -16.82 16.83
N ILE B 262 -20.30 -16.84 17.84
CA ILE B 262 -21.75 -16.74 17.61
C ILE B 262 -22.16 -15.35 17.02
N GLY B 263 -21.44 -14.30 17.37
CA GLY B 263 -21.81 -12.97 16.89
C GLY B 263 -21.20 -11.83 17.68
N GLY B 264 -21.49 -10.63 17.23
CA GLY B 264 -20.94 -9.44 17.85
C GLY B 264 -21.08 -8.17 17.06
N PRO B 265 -20.70 -7.01 17.69
CA PRO B 265 -20.84 -5.73 17.01
C PRO B 265 -19.80 -5.58 15.92
N LEU B 266 -20.18 -4.81 14.89
CA LEU B 266 -19.36 -4.56 13.72
C LEU B 266 -18.93 -3.11 13.75
N THR B 267 -17.62 -2.88 13.64
CA THR B 267 -17.03 -1.55 13.69
C THR B 267 -16.30 -1.26 12.37
N ASN B 268 -16.50 -0.06 11.78
CA ASN B 268 -15.81 0.29 10.55
C ASN B 268 -14.42 0.77 10.88
N SER B 269 -13.53 0.97 9.85
CA SER B 269 -12.16 1.44 10.03
C SER B 269 -12.07 2.81 10.74
N LYS B 270 -13.17 3.58 10.78
CA LYS B 270 -13.20 4.89 11.43
C LYS B 270 -13.66 4.80 12.88
N GLY B 271 -13.95 3.59 13.37
CA GLY B 271 -14.40 3.36 14.74
C GLY B 271 -15.89 3.48 14.98
N GLN B 272 -16.69 3.61 13.92
CA GLN B 272 -18.15 3.72 14.03
C GLN B 272 -18.84 2.34 14.04
N ASN B 273 -19.93 2.24 14.80
CA ASN B 273 -20.71 1.02 14.86
C ASN B 273 -21.59 0.91 13.61
N CYS B 274 -21.34 -0.13 12.79
CA CYS B 274 -22.05 -0.44 11.53
C CYS B 274 -23.25 -1.33 11.76
N GLY B 275 -23.19 -2.11 12.81
CA GLY B 275 -24.27 -3.03 13.14
C GLY B 275 -23.85 -4.20 13.99
N TYR B 276 -24.55 -5.32 13.80
CA TYR B 276 -24.36 -6.53 14.57
C TYR B 276 -24.48 -7.79 13.72
N ARG B 277 -23.52 -8.73 13.89
CA ARG B 277 -23.45 -10.00 13.19
C ARG B 277 -24.05 -11.12 14.07
N ARG B 278 -24.82 -12.04 13.45
CA ARG B 278 -25.40 -13.21 14.11
C ARG B 278 -25.09 -14.46 13.27
N CYS B 279 -23.99 -14.41 12.52
CA CYS B 279 -23.61 -15.50 11.64
C CYS B 279 -22.12 -15.71 11.69
N ARG B 280 -21.56 -16.56 10.82
CA ARG B 280 -20.12 -16.82 10.78
C ARG B 280 -19.32 -15.56 10.49
N ALA B 281 -18.26 -15.30 11.28
CA ALA B 281 -17.32 -14.22 11.02
C ALA B 281 -16.34 -14.80 10.00
N SER B 282 -16.07 -14.05 8.91
CA SER B 282 -15.20 -14.52 7.83
C SER B 282 -13.69 -14.41 8.14
N GLY B 283 -13.33 -13.67 9.18
CA GLY B 283 -11.94 -13.47 9.54
C GLY B 283 -11.55 -13.92 10.94
N VAL B 284 -11.90 -15.17 11.30
CA VAL B 284 -11.51 -15.78 12.57
C VAL B 284 -10.76 -17.10 12.31
N LEU B 285 -10.01 -17.61 13.31
CA LEU B 285 -9.26 -18.87 13.16
C LEU B 285 -10.13 -20.05 12.76
N THR B 286 -11.32 -20.14 13.37
CA THR B 286 -12.29 -21.23 13.17
C THR B 286 -13.18 -21.10 11.91
N THR B 287 -12.99 -20.07 11.06
CA THR B 287 -13.83 -19.90 9.85
C THR B 287 -13.82 -21.16 8.96
N SER B 288 -12.63 -21.62 8.57
CA SER B 288 -12.45 -22.75 7.69
C SER B 288 -12.91 -24.08 8.31
N CYS B 289 -12.45 -24.41 9.54
CA CYS B 289 -12.83 -25.63 10.27
C CYS B 289 -14.33 -25.69 10.60
N GLY B 290 -14.85 -24.58 11.11
CA GLY B 290 -16.27 -24.41 11.39
C GLY B 290 -17.09 -24.62 10.13
N ASN B 291 -16.71 -23.93 9.03
CA ASN B 291 -17.43 -24.13 7.76
C ASN B 291 -17.33 -25.58 7.27
N THR B 292 -16.15 -26.23 7.44
CA THR B 292 -15.95 -27.62 7.00
C THR B 292 -16.87 -28.58 7.75
N LEU B 293 -16.86 -28.51 9.09
CA LEU B 293 -17.68 -29.40 9.91
C LEU B 293 -19.16 -29.17 9.68
N THR B 294 -19.59 -27.90 9.55
CA THR B 294 -21.01 -27.59 9.39
C THR B 294 -21.51 -28.01 8.00
N CYS B 295 -20.70 -27.81 6.95
CA CYS B 295 -21.03 -28.23 5.61
C CYS B 295 -21.15 -29.75 5.53
N TYR B 296 -20.17 -30.47 6.11
CA TYR B 296 -20.12 -31.93 6.15
C TYR B 296 -21.28 -32.50 6.94
N LEU B 297 -21.62 -31.88 8.10
CA LEU B 297 -22.75 -32.30 8.94
C LEU B 297 -24.06 -32.17 8.17
N LYS B 298 -24.32 -30.97 7.61
CA LYS B 298 -25.56 -30.70 6.86
C LYS B 298 -25.65 -31.59 5.62
N ALA B 299 -24.54 -31.75 4.86
CA ALA B 299 -24.52 -32.58 3.64
C ALA B 299 -24.71 -34.05 3.94
N SER B 300 -24.01 -34.60 4.96
CA SER B 300 -24.12 -36.01 5.33
C SER B 300 -25.55 -36.39 5.75
N ALA B 301 -26.20 -35.52 6.53
CA ALA B 301 -27.59 -35.67 6.98
C ALA B 301 -28.53 -35.54 5.77
N ALA B 302 -28.25 -34.59 4.84
CA ALA B 302 -29.01 -34.38 3.61
C ALA B 302 -28.91 -35.60 2.67
N CYS B 303 -27.74 -36.27 2.63
N CYS B 303 -27.75 -36.24 2.62
CA CYS B 303 -27.51 -37.49 1.84
CA CYS B 303 -27.57 -37.45 1.81
C CYS B 303 -28.37 -38.65 2.32
C CYS B 303 -28.48 -38.58 2.31
N ARG B 304 -28.56 -38.77 3.64
CA ARG B 304 -29.41 -39.80 4.27
C ARG B 304 -30.88 -39.48 4.02
N ALA B 305 -31.24 -38.20 4.11
CA ALA B 305 -32.62 -37.71 3.86
C ALA B 305 -33.05 -37.93 2.41
N ALA B 306 -32.10 -37.85 1.48
CA ALA B 306 -32.39 -38.00 0.06
C ALA B 306 -32.23 -39.42 -0.45
N LYS B 307 -31.73 -40.34 0.42
CA LYS B 307 -31.48 -41.76 0.13
C LYS B 307 -30.45 -41.93 -1.01
N LEU B 308 -29.41 -41.10 -0.98
CA LEU B 308 -28.32 -41.11 -1.96
C LEU B 308 -27.47 -42.33 -1.59
N GLN B 309 -27.26 -43.27 -2.55
CA GLN B 309 -26.50 -44.50 -2.29
C GLN B 309 -24.99 -44.32 -2.32
N ASP B 310 -24.31 -44.78 -1.25
CA ASP B 310 -22.85 -44.78 -1.07
C ASP B 310 -22.21 -43.41 -1.39
N CYS B 311 -22.62 -42.37 -0.63
N CYS B 311 -22.66 -42.36 -0.69
CA CYS B 311 -22.12 -40.99 -0.80
CA CYS B 311 -22.11 -41.03 -0.92
C CYS B 311 -20.76 -40.77 -0.20
C CYS B 311 -20.76 -40.85 -0.27
N THR B 312 -19.83 -40.27 -1.05
CA THR B 312 -18.48 -39.94 -0.60
C THR B 312 -18.46 -38.44 -0.71
N MET B 313 -18.12 -37.77 0.39
CA MET B 313 -18.06 -36.33 0.38
C MET B 313 -16.63 -35.93 0.19
N LEU B 314 -16.41 -34.76 -0.39
CA LEU B 314 -15.13 -34.07 -0.47
C LEU B 314 -15.44 -32.64 -0.09
N VAL B 315 -15.06 -32.27 1.15
CA VAL B 315 -15.38 -30.99 1.80
C VAL B 315 -14.14 -30.16 2.11
N ASN B 316 -14.16 -28.92 1.65
CA ASN B 316 -13.14 -27.91 1.95
C ASN B 316 -13.96 -26.69 2.33
N GLY B 317 -14.21 -26.45 3.63
CA GLY B 317 -15.05 -25.33 4.04
C GLY B 317 -16.45 -25.44 3.45
N ASP B 318 -16.87 -24.44 2.68
CA ASP B 318 -18.18 -24.42 1.99
C ASP B 318 -18.13 -25.07 0.59
N ASP B 319 -16.94 -25.54 0.18
CA ASP B 319 -16.74 -26.23 -1.12
C ASP B 319 -17.11 -27.71 -0.90
N LEU B 320 -18.18 -28.16 -1.58
CA LEU B 320 -18.72 -29.50 -1.39
C LEU B 320 -18.86 -30.28 -2.68
N VAL B 321 -18.22 -31.45 -2.74
CA VAL B 321 -18.31 -32.39 -3.85
C VAL B 321 -18.87 -33.69 -3.30
N VAL B 322 -19.89 -34.23 -3.98
CA VAL B 322 -20.47 -35.52 -3.59
C VAL B 322 -20.31 -36.50 -4.76
N ILE B 323 -19.78 -37.72 -4.49
CA ILE B 323 -19.70 -38.77 -5.49
C ILE B 323 -20.45 -39.97 -4.92
N CYS B 324 -21.48 -40.42 -5.63
CA CYS B 324 -22.33 -41.51 -5.15
C CYS B 324 -22.67 -42.54 -6.25
N GLU B 325 -23.50 -43.54 -5.91
CA GLU B 325 -23.97 -44.56 -6.83
C GLU B 325 -25.18 -44.02 -7.57
N SER B 326 -25.13 -44.12 -8.89
CA SER B 326 -26.24 -43.72 -9.75
C SER B 326 -27.28 -44.83 -9.67
N ALA B 327 -28.52 -44.42 -9.46
CA ALA B 327 -29.66 -45.32 -9.37
C ALA B 327 -30.53 -45.02 -10.60
N GLY B 328 -29.88 -44.56 -11.67
CA GLY B 328 -30.52 -44.16 -12.91
C GLY B 328 -30.60 -42.66 -12.96
N THR B 329 -30.65 -42.07 -14.17
CA THR B 329 -30.64 -40.61 -14.33
C THR B 329 -31.85 -39.89 -13.74
N GLN B 330 -33.05 -40.52 -13.76
CA GLN B 330 -34.28 -39.93 -13.25
C GLN B 330 -34.35 -39.93 -11.71
N GLU B 331 -33.96 -41.06 -11.08
CA GLU B 331 -33.89 -41.26 -9.64
C GLU B 331 -32.83 -40.32 -9.04
N ASP B 332 -31.72 -40.10 -9.80
CA ASP B 332 -30.61 -39.18 -9.43
C ASP B 332 -31.11 -37.73 -9.41
N ALA B 333 -31.82 -37.27 -10.48
CA ALA B 333 -32.36 -35.91 -10.52
C ALA B 333 -33.34 -35.66 -9.36
N ALA B 334 -34.16 -36.69 -9.05
CA ALA B 334 -35.15 -36.65 -7.95
C ALA B 334 -34.44 -36.49 -6.61
N SER B 335 -33.38 -37.31 -6.40
CA SER B 335 -32.54 -37.35 -5.22
C SER B 335 -31.85 -36.01 -4.94
N LEU B 336 -31.33 -35.30 -5.98
CA LEU B 336 -30.65 -34.00 -5.80
C LEU B 336 -31.61 -32.92 -5.35
N ARG B 337 -32.91 -33.04 -5.71
CA ARG B 337 -33.97 -32.12 -5.28
C ARG B 337 -34.25 -32.32 -3.80
N VAL B 338 -34.33 -33.58 -3.34
CA VAL B 338 -34.55 -33.90 -1.93
C VAL B 338 -33.31 -33.44 -1.14
N PHE B 339 -32.11 -33.69 -1.69
CA PHE B 339 -30.84 -33.28 -1.08
C PHE B 339 -30.85 -31.75 -0.83
N THR B 340 -31.21 -30.96 -1.87
CA THR B 340 -31.30 -29.51 -1.84
C THR B 340 -32.36 -29.03 -0.83
N GLU B 341 -33.52 -29.71 -0.82
CA GLU B 341 -34.62 -29.44 0.09
C GLU B 341 -34.17 -29.64 1.53
N ALA B 342 -33.46 -30.75 1.82
CA ALA B 342 -32.92 -31.07 3.13
C ALA B 342 -31.87 -30.02 3.52
N MET B 343 -30.92 -29.65 2.60
CA MET B 343 -29.90 -28.62 2.85
C MET B 343 -30.54 -27.27 3.22
N THR B 344 -31.64 -26.91 2.50
CA THR B 344 -32.43 -25.69 2.73
C THR B 344 -33.05 -25.67 4.13
N ARG B 345 -33.68 -26.77 4.58
CA ARG B 345 -34.27 -26.90 5.93
C ARG B 345 -33.22 -26.70 7.03
N TYR B 346 -31.99 -27.14 6.76
CA TYR B 346 -30.83 -27.03 7.64
C TYR B 346 -30.16 -25.65 7.57
N SER B 347 -30.73 -24.70 6.78
CA SER B 347 -30.19 -23.34 6.55
C SER B 347 -28.87 -23.39 5.79
N ALA B 348 -28.92 -24.00 4.60
CA ALA B 348 -27.82 -24.07 3.64
C ALA B 348 -28.52 -24.10 2.26
N PRO B 349 -29.34 -23.05 1.94
CA PRO B 349 -30.04 -23.05 0.66
C PRO B 349 -29.05 -22.90 -0.51
N PRO B 350 -29.43 -23.35 -1.71
CA PRO B 350 -28.48 -23.28 -2.84
C PRO B 350 -28.41 -21.92 -3.53
N GLY B 351 -27.32 -21.76 -4.27
CA GLY B 351 -27.13 -20.62 -5.15
C GLY B 351 -27.66 -21.17 -6.47
N ASP B 352 -26.75 -21.70 -7.30
CA ASP B 352 -27.14 -22.41 -8.52
C ASP B 352 -27.51 -23.84 -8.05
N PRO B 353 -28.64 -24.43 -8.49
CA PRO B 353 -29.00 -25.77 -8.01
C PRO B 353 -28.03 -26.85 -8.49
N PRO B 354 -27.82 -27.95 -7.72
CA PRO B 354 -26.88 -28.99 -8.16
C PRO B 354 -27.36 -29.81 -9.36
N GLN B 355 -26.42 -30.14 -10.27
CA GLN B 355 -26.66 -30.91 -11.48
C GLN B 355 -25.91 -32.23 -11.43
N PRO B 356 -26.57 -33.38 -11.71
CA PRO B 356 -25.85 -34.66 -11.69
C PRO B 356 -24.92 -34.80 -12.90
N GLU B 357 -23.71 -35.32 -12.66
CA GLU B 357 -22.67 -35.52 -13.68
C GLU B 357 -22.26 -36.96 -13.73
N TYR B 358 -21.99 -37.46 -14.95
CA TYR B 358 -21.62 -38.86 -15.18
C TYR B 358 -20.23 -38.98 -15.82
N ASP B 359 -19.50 -37.85 -15.80
CA ASP B 359 -18.13 -37.68 -16.28
C ASP B 359 -17.44 -36.83 -15.22
N LEU B 360 -16.44 -37.42 -14.54
CA LEU B 360 -15.67 -36.76 -13.47
C LEU B 360 -15.21 -35.35 -13.86
N GLU B 361 -14.69 -35.18 -15.08
CA GLU B 361 -14.20 -33.93 -15.69
C GLU B 361 -15.25 -32.83 -15.78
N LEU B 362 -16.54 -33.18 -15.69
CA LEU B 362 -17.63 -32.20 -15.77
C LEU B 362 -18.11 -31.71 -14.39
N ILE B 363 -17.50 -32.22 -13.29
CA ILE B 363 -17.87 -31.74 -11.96
C ILE B 363 -17.02 -30.46 -11.66
N THR B 364 -17.69 -29.31 -11.51
CA THR B 364 -17.01 -28.06 -11.20
C THR B 364 -17.36 -27.61 -9.79
N SER B 365 -16.34 -27.43 -8.95
CA SER B 365 -16.56 -26.89 -7.60
C SER B 365 -15.54 -25.78 -7.38
N CYS B 366 -16.03 -24.56 -7.05
CA CYS B 366 -15.22 -23.35 -6.82
C CYS B 366 -14.27 -23.08 -8.01
N SER B 367 -14.84 -23.06 -9.23
CA SER B 367 -14.18 -22.81 -10.53
C SER B 367 -13.18 -23.88 -10.97
N SER B 368 -12.99 -24.95 -10.16
CA SER B 368 -12.03 -26.02 -10.41
C SER B 368 -12.63 -27.33 -10.94
N ASN B 369 -11.89 -28.03 -11.81
CA ASN B 369 -12.32 -29.31 -12.38
C ASN B 369 -11.16 -30.24 -12.68
N VAL B 370 -11.45 -31.53 -12.79
CA VAL B 370 -10.46 -32.55 -13.16
C VAL B 370 -10.33 -32.49 -14.71
N SER B 371 -9.10 -32.57 -15.22
CA SER B 371 -8.92 -32.64 -16.66
C SER B 371 -7.89 -33.68 -17.00
N VAL B 372 -7.65 -33.92 -18.30
CA VAL B 372 -6.73 -34.97 -18.69
C VAL B 372 -5.72 -34.50 -19.74
N ALA B 373 -4.47 -34.96 -19.62
CA ALA B 373 -3.36 -34.75 -20.54
C ALA B 373 -2.51 -36.02 -20.55
N HIS B 374 -1.37 -35.99 -21.25
CA HIS B 374 -0.49 -37.16 -21.34
C HIS B 374 0.90 -36.83 -20.85
N ASP B 375 1.51 -37.75 -20.09
CA ASP B 375 2.88 -37.56 -19.62
C ASP B 375 3.86 -37.89 -20.77
N ALA B 376 5.18 -37.87 -20.50
CA ALA B 376 6.22 -38.14 -21.50
C ALA B 376 6.08 -39.54 -22.12
N SER B 377 5.61 -40.54 -21.35
CA SER B 377 5.39 -41.92 -21.83
C SER B 377 4.09 -42.12 -22.64
N GLY B 378 3.24 -41.09 -22.70
CA GLY B 378 1.99 -41.14 -23.45
C GLY B 378 0.79 -41.57 -22.63
N LYS B 379 1.03 -41.92 -21.38
CA LYS B 379 0.02 -42.35 -20.41
C LYS B 379 -0.96 -41.19 -20.11
N ARG B 380 -2.26 -41.51 -20.01
CA ARG B 380 -3.32 -40.56 -19.63
C ARG B 380 -3.08 -40.17 -18.16
N VAL B 381 -3.07 -38.87 -17.88
CA VAL B 381 -2.83 -38.32 -16.54
C VAL B 381 -3.92 -37.29 -16.20
N TYR B 382 -4.59 -37.49 -15.06
CA TYR B 382 -5.64 -36.61 -14.55
C TYR B 382 -4.98 -35.55 -13.69
N TYR B 383 -5.40 -34.30 -13.84
CA TYR B 383 -4.86 -33.18 -13.06
C TYR B 383 -5.95 -32.15 -12.79
N LEU B 384 -5.72 -31.25 -11.82
CA LEU B 384 -6.70 -30.19 -11.54
C LEU B 384 -6.38 -28.91 -12.27
N THR B 385 -7.40 -28.34 -12.88
CA THR B 385 -7.36 -27.09 -13.60
C THR B 385 -8.54 -26.21 -13.13
N ARG B 386 -8.74 -25.06 -13.80
CA ARG B 386 -9.83 -24.13 -13.52
C ARG B 386 -9.95 -23.18 -14.70
N ASP B 387 -11.03 -22.41 -14.74
CA ASP B 387 -11.20 -21.38 -15.76
C ASP B 387 -10.10 -20.33 -15.43
N PRO B 388 -9.26 -19.95 -16.41
CA PRO B 388 -8.12 -19.07 -16.10
C PRO B 388 -8.39 -17.56 -16.10
N THR B 389 -9.65 -17.11 -16.26
CA THR B 389 -10.05 -15.69 -16.31
C THR B 389 -9.61 -14.89 -15.07
N THR B 390 -10.00 -15.35 -13.86
CA THR B 390 -9.65 -14.68 -12.60
C THR B 390 -8.13 -14.75 -12.37
N PRO B 391 -7.45 -15.92 -12.48
CA PRO B 391 -5.98 -15.92 -12.35
C PRO B 391 -5.29 -14.94 -13.32
N LEU B 392 -5.79 -14.82 -14.57
CA LEU B 392 -5.18 -13.91 -15.56
C LEU B 392 -5.49 -12.45 -15.29
N ALA B 393 -6.70 -12.13 -14.80
CA ALA B 393 -7.09 -10.77 -14.40
C ALA B 393 -6.20 -10.30 -13.23
N ARG B 394 -5.96 -11.19 -12.25
CA ARG B 394 -5.13 -10.90 -11.06
C ARG B 394 -3.66 -10.77 -11.43
N ALA B 395 -3.19 -11.56 -12.41
CA ALA B 395 -1.83 -11.47 -12.94
C ALA B 395 -1.59 -10.11 -13.61
N ALA B 396 -2.60 -9.54 -14.29
CA ALA B 396 -2.52 -8.24 -14.93
C ALA B 396 -2.37 -7.14 -13.87
N TRP B 397 -3.14 -7.24 -12.76
CA TRP B 397 -3.05 -6.27 -11.66
C TRP B 397 -1.68 -6.32 -11.01
N GLU B 398 -1.18 -7.54 -10.72
CA GLU B 398 0.13 -7.78 -10.10
C GLU B 398 1.30 -7.45 -11.03
N THR B 399 1.05 -7.32 -12.35
CA THR B 399 2.09 -6.92 -13.31
C THR B 399 2.48 -5.43 -13.03
N ALA B 400 1.48 -4.60 -12.66
CA ALA B 400 1.68 -3.18 -12.43
C ALA B 400 1.65 -2.77 -10.96
N ARG B 401 1.21 -3.66 -10.04
CA ARG B 401 1.12 -3.36 -8.61
C ARG B 401 1.63 -4.48 -7.74
N HIS B 402 2.32 -4.14 -6.66
CA HIS B 402 2.73 -5.14 -5.69
C HIS B 402 1.57 -5.30 -4.70
N THR B 403 1.21 -6.55 -4.40
CA THR B 403 0.08 -6.89 -3.52
C THR B 403 0.54 -7.73 -2.33
N PRO B 404 -0.21 -7.76 -1.18
CA PRO B 404 0.23 -8.56 -0.03
C PRO B 404 0.27 -10.06 -0.33
N VAL B 405 -0.56 -10.52 -1.26
CA VAL B 405 -0.67 -11.91 -1.69
C VAL B 405 -0.46 -11.95 -3.19
N ASN B 406 0.58 -12.67 -3.62
CA ASN B 406 0.92 -12.82 -5.03
C ASN B 406 0.14 -14.00 -5.59
N SER B 407 -1.04 -13.71 -6.17
CA SER B 407 -1.93 -14.73 -6.75
C SER B 407 -1.27 -15.51 -7.85
N TRP B 408 -0.39 -14.86 -8.65
CA TRP B 408 0.33 -15.55 -9.73
C TRP B 408 1.21 -16.68 -9.20
N LEU B 409 1.87 -16.46 -8.06
CA LEU B 409 2.74 -17.44 -7.42
C LEU B 409 1.95 -18.59 -6.81
N GLY B 410 0.88 -18.29 -6.08
CA GLY B 410 0.00 -19.31 -5.53
C GLY B 410 -0.58 -20.15 -6.67
N ASN B 411 -0.98 -19.49 -7.78
CA ASN B 411 -1.53 -20.14 -8.98
C ASN B 411 -0.52 -21.02 -9.73
N ILE B 412 0.78 -20.61 -9.81
CA ILE B 412 1.83 -21.45 -10.42
C ILE B 412 2.05 -22.71 -9.55
N ILE B 413 2.05 -22.55 -8.22
CA ILE B 413 2.26 -23.66 -7.29
C ILE B 413 1.08 -24.70 -7.37
N MET B 414 -0.15 -24.22 -7.18
CA MET B 414 -1.35 -25.06 -7.13
C MET B 414 -1.78 -25.56 -8.50
N TYR B 415 -1.61 -24.75 -9.56
CA TYR B 415 -1.97 -25.15 -10.93
C TYR B 415 -0.78 -25.33 -11.86
N ALA B 416 0.38 -25.74 -11.31
CA ALA B 416 1.59 -26.04 -12.11
C ALA B 416 1.35 -26.94 -13.32
N PRO B 417 0.55 -28.05 -13.29
CA PRO B 417 0.44 -28.90 -14.49
C PRO B 417 -0.40 -28.35 -15.62
N THR B 418 -1.12 -27.24 -15.37
CA THR B 418 -2.03 -26.65 -16.36
C THR B 418 -1.35 -25.94 -17.53
N LEU B 419 -2.05 -25.94 -18.68
CA LEU B 419 -1.61 -25.31 -19.92
C LEU B 419 -1.35 -23.80 -19.72
N TRP B 420 -2.31 -23.10 -19.09
CA TRP B 420 -2.27 -21.67 -18.84
C TRP B 420 -1.23 -21.21 -17.79
N ALA B 421 -1.02 -21.95 -16.69
CA ALA B 421 -0.02 -21.56 -15.67
C ALA B 421 1.40 -21.72 -16.19
N ARG B 422 1.61 -22.79 -16.97
CA ARG B 422 2.90 -23.13 -17.55
C ARG B 422 3.30 -22.19 -18.65
N MET B 423 2.42 -22.01 -19.63
CA MET B 423 2.72 -21.19 -20.80
C MET B 423 2.68 -19.69 -20.56
N ILE B 424 1.77 -19.24 -19.69
CA ILE B 424 1.57 -17.81 -19.48
C ILE B 424 2.17 -17.31 -18.19
N LEU B 425 1.66 -17.79 -17.04
CA LEU B 425 2.10 -17.31 -15.73
C LEU B 425 3.59 -17.49 -15.49
N MET B 426 4.12 -18.71 -15.72
CA MET B 426 5.55 -19.00 -15.54
C MET B 426 6.39 -18.10 -16.46
N THR B 427 6.02 -18.02 -17.76
CA THR B 427 6.75 -17.23 -18.77
C THR B 427 6.81 -15.75 -18.41
N HIS B 428 5.66 -15.15 -18.16
CA HIS B 428 5.47 -13.74 -17.86
C HIS B 428 6.21 -13.31 -16.61
N PHE B 429 5.93 -13.98 -15.49
CA PHE B 429 6.54 -13.60 -14.23
C PHE B 429 8.03 -13.95 -14.17
N PHE B 430 8.51 -15.03 -14.81
CA PHE B 430 9.97 -15.26 -14.77
C PHE B 430 10.71 -14.21 -15.61
N SER B 431 10.09 -13.77 -16.71
CA SER B 431 10.64 -12.71 -17.56
C SER B 431 10.78 -11.43 -16.70
N ILE B 432 9.73 -11.04 -15.93
CA ILE B 432 9.76 -9.86 -15.04
C ILE B 432 10.85 -9.97 -13.94
N LEU B 433 10.88 -11.11 -13.21
CA LEU B 433 11.83 -11.39 -12.13
C LEU B 433 13.29 -11.35 -12.60
N LEU B 434 13.57 -11.83 -13.83
CA LEU B 434 14.90 -11.80 -14.44
C LEU B 434 15.31 -10.34 -14.66
N ALA B 435 14.46 -9.55 -15.37
CA ALA B 435 14.71 -8.14 -15.67
C ALA B 435 14.90 -7.27 -14.42
N GLN B 436 14.14 -7.56 -13.35
CA GLN B 436 14.13 -6.83 -12.09
C GLN B 436 15.12 -7.34 -11.03
N GLU B 437 15.85 -8.44 -11.35
CA GLU B 437 16.84 -9.10 -10.48
C GLU B 437 16.22 -9.53 -9.13
N GLN B 438 15.01 -10.12 -9.18
CA GLN B 438 14.28 -10.53 -7.98
C GLN B 438 13.98 -12.03 -7.86
N LEU B 439 14.71 -12.87 -8.61
CA LEU B 439 14.57 -14.33 -8.55
C LEU B 439 14.74 -14.89 -7.12
N GLU B 440 15.70 -14.32 -6.33
CA GLU B 440 16.02 -14.72 -4.95
C GLU B 440 15.16 -14.05 -3.88
N LYS B 441 14.28 -13.10 -4.25
CA LYS B 441 13.45 -12.40 -3.28
C LYS B 441 12.23 -13.28 -2.87
N ALA B 442 12.04 -13.48 -1.55
CA ALA B 442 10.93 -14.26 -1.01
C ALA B 442 9.65 -13.47 -1.18
N LEU B 443 8.60 -14.12 -1.69
CA LEU B 443 7.30 -13.50 -1.95
C LEU B 443 6.22 -14.23 -1.20
N ASP B 444 5.25 -13.50 -0.70
CA ASP B 444 4.12 -14.09 0.01
C ASP B 444 3.04 -14.56 -0.93
N CYS B 445 2.47 -15.73 -0.62
CA CYS B 445 1.35 -16.30 -1.33
C CYS B 445 0.51 -17.07 -0.35
N GLN B 446 -0.72 -17.41 -0.74
CA GLN B 446 -1.62 -18.17 0.11
C GLN B 446 -1.85 -19.58 -0.42
N ILE B 447 -1.70 -20.58 0.45
CA ILE B 447 -2.02 -22.00 0.16
C ILE B 447 -3.06 -22.43 1.19
N TYR B 448 -4.27 -22.79 0.73
CA TYR B 448 -5.41 -23.19 1.59
C TYR B 448 -5.67 -22.18 2.73
N GLY B 449 -5.56 -20.89 2.41
CA GLY B 449 -5.80 -19.79 3.35
C GLY B 449 -4.61 -19.40 4.20
N ALA B 450 -3.59 -20.26 4.28
CA ALA B 450 -2.41 -19.94 5.07
C ALA B 450 -1.38 -19.19 4.21
N CYS B 451 -0.65 -18.22 4.82
N CYS B 451 -0.67 -18.19 4.80
CA CYS B 451 0.37 -17.38 4.18
CA CYS B 451 0.35 -17.36 4.13
C CYS B 451 1.76 -18.02 4.21
C CYS B 451 1.75 -17.97 4.21
N TYR B 452 2.43 -18.04 3.06
CA TYR B 452 3.79 -18.61 2.94
C TYR B 452 4.70 -17.64 2.30
N SER B 453 5.97 -17.66 2.68
CA SER B 453 6.99 -16.83 2.07
C SER B 453 7.77 -17.78 1.18
N ILE B 454 7.73 -17.57 -0.16
CA ILE B 454 8.36 -18.49 -1.11
C ILE B 454 9.28 -17.78 -2.11
N GLU B 455 10.49 -18.33 -2.27
CA GLU B 455 11.44 -17.81 -3.25
C GLU B 455 11.08 -18.46 -4.59
N PRO B 456 10.83 -17.66 -5.65
CA PRO B 456 10.51 -18.27 -6.97
C PRO B 456 11.54 -19.29 -7.49
N LEU B 457 12.82 -19.16 -7.06
CA LEU B 457 13.88 -20.09 -7.47
C LEU B 457 13.65 -21.51 -6.96
N ASP B 458 12.82 -21.65 -5.89
CA ASP B 458 12.48 -22.98 -5.32
C ASP B 458 11.26 -23.62 -5.99
N LEU B 459 10.64 -22.92 -6.97
CA LEU B 459 9.45 -23.43 -7.66
C LEU B 459 9.60 -24.84 -8.26
N PRO B 460 10.70 -25.26 -8.95
CA PRO B 460 10.74 -26.63 -9.50
C PRO B 460 10.63 -27.75 -8.45
N GLN B 461 11.34 -27.61 -7.32
CA GLN B 461 11.33 -28.54 -6.19
C GLN B 461 9.94 -28.61 -5.54
N ILE B 462 9.29 -27.44 -5.33
CA ILE B 462 7.95 -27.36 -4.75
C ILE B 462 6.97 -28.09 -5.68
N ILE B 463 7.01 -27.77 -6.98
CA ILE B 463 6.13 -28.38 -7.98
C ILE B 463 6.32 -29.90 -8.00
N GLU B 464 7.58 -30.39 -7.98
CA GLU B 464 7.90 -31.81 -7.97
C GLU B 464 7.31 -32.51 -6.75
N ARG B 465 7.34 -31.84 -5.60
CA ARG B 465 6.81 -32.42 -4.36
C ARG B 465 5.30 -32.44 -4.30
N LEU B 466 4.61 -31.47 -4.95
CA LEU B 466 3.16 -31.42 -4.95
C LEU B 466 2.53 -32.20 -6.09
N HIS B 467 3.14 -32.19 -7.28
CA HIS B 467 2.54 -32.78 -8.47
C HIS B 467 3.32 -33.92 -9.10
N GLY B 468 4.59 -34.06 -8.73
CA GLY B 468 5.47 -35.05 -9.34
C GLY B 468 6.10 -34.46 -10.58
N LEU B 469 7.05 -35.21 -11.18
CA LEU B 469 7.76 -34.78 -12.38
C LEU B 469 6.89 -34.57 -13.62
N SER B 470 5.76 -35.31 -13.72
CA SER B 470 4.83 -35.23 -14.86
C SER B 470 4.26 -33.82 -15.13
N ALA B 471 4.28 -32.93 -14.14
CA ALA B 471 3.83 -31.53 -14.23
C ALA B 471 4.73 -30.74 -15.20
N PHE B 472 5.97 -31.22 -15.39
CA PHE B 472 6.97 -30.64 -16.29
C PHE B 472 6.93 -31.33 -17.68
N SER B 473 6.08 -32.37 -17.85
CA SER B 473 6.02 -33.17 -19.10
C SER B 473 4.62 -33.26 -19.72
N LEU B 474 3.57 -32.67 -19.10
CA LEU B 474 2.22 -32.82 -19.66
C LEU B 474 2.12 -32.22 -21.04
N HIS B 475 1.40 -32.92 -21.92
CA HIS B 475 1.17 -32.52 -23.30
C HIS B 475 -0.12 -33.19 -23.79
N SER B 476 -0.60 -32.82 -25.01
CA SER B 476 -1.84 -33.32 -25.61
C SER B 476 -3.00 -33.11 -24.64
N TYR B 477 -3.22 -31.84 -24.30
CA TYR B 477 -4.29 -31.42 -23.41
C TYR B 477 -5.63 -31.66 -24.10
N SER B 478 -6.71 -31.74 -23.31
CA SER B 478 -8.02 -32.00 -23.87
C SER B 478 -8.50 -30.83 -24.74
N PRO B 479 -9.25 -31.10 -25.86
CA PRO B 479 -9.76 -30.00 -26.69
C PRO B 479 -10.66 -29.05 -25.91
N GLY B 480 -11.37 -29.56 -24.91
CA GLY B 480 -12.25 -28.76 -24.06
C GLY B 480 -11.44 -27.74 -23.28
N GLU B 481 -10.33 -28.19 -22.69
CA GLU B 481 -9.37 -27.39 -21.91
C GLU B 481 -8.61 -26.38 -22.78
N ILE B 482 -8.05 -26.82 -23.95
CA ILE B 482 -7.36 -25.91 -24.89
C ILE B 482 -8.33 -24.79 -25.30
N ASN B 483 -9.57 -25.15 -25.67
CA ASN B 483 -10.59 -24.20 -26.11
C ASN B 483 -10.99 -23.19 -25.06
N ARG B 484 -11.12 -23.60 -23.78
CA ARG B 484 -11.44 -22.67 -22.68
C ARG B 484 -10.30 -21.65 -22.50
N VAL B 485 -9.03 -22.13 -22.54
CA VAL B 485 -7.86 -21.25 -22.42
C VAL B 485 -7.83 -20.26 -23.60
N ALA B 486 -7.93 -20.75 -24.85
CA ALA B 486 -7.89 -19.90 -26.04
C ALA B 486 -9.00 -18.86 -26.05
N SER B 487 -10.20 -19.26 -25.63
CA SER B 487 -11.38 -18.40 -25.55
C SER B 487 -11.16 -17.28 -24.53
N CYS B 488 -10.58 -17.64 -23.37
CA CYS B 488 -10.24 -16.71 -22.28
C CYS B 488 -9.21 -15.67 -22.74
N LEU B 489 -8.23 -16.09 -23.53
CA LEU B 489 -7.19 -15.17 -24.07
C LEU B 489 -7.78 -14.15 -25.01
N ARG B 490 -8.71 -14.57 -25.90
CA ARG B 490 -9.39 -13.66 -26.83
C ARG B 490 -10.24 -12.65 -26.08
N LYS B 491 -10.98 -13.12 -25.04
CA LYS B 491 -11.83 -12.27 -24.18
C LYS B 491 -11.01 -11.16 -23.48
N LEU B 492 -9.87 -11.52 -22.88
CA LEU B 492 -9.02 -10.57 -22.16
C LEU B 492 -8.04 -9.79 -23.03
N GLY B 493 -7.79 -10.24 -24.25
CA GLY B 493 -6.84 -9.61 -25.15
C GLY B 493 -5.43 -10.00 -24.76
N VAL B 494 -5.26 -11.28 -24.36
CA VAL B 494 -3.99 -11.87 -23.99
C VAL B 494 -3.35 -12.44 -25.28
N PRO B 495 -2.02 -12.23 -25.53
CA PRO B 495 -1.40 -12.83 -26.74
C PRO B 495 -1.64 -14.35 -26.86
N PRO B 496 -1.79 -14.88 -28.11
CA PRO B 496 -2.02 -16.32 -28.27
C PRO B 496 -0.89 -17.21 -27.78
N LEU B 497 -1.20 -18.48 -27.49
CA LEU B 497 -0.29 -19.49 -26.95
C LEU B 497 1.04 -19.62 -27.72
N ARG B 498 1.00 -19.45 -29.07
CA ARG B 498 2.20 -19.50 -29.92
C ARG B 498 3.16 -18.36 -29.54
N VAL B 499 2.63 -17.20 -29.11
CA VAL B 499 3.47 -16.05 -28.70
C VAL B 499 4.21 -16.44 -27.38
N TRP B 500 3.47 -17.07 -26.45
CA TRP B 500 3.97 -17.52 -25.16
C TRP B 500 5.02 -18.59 -25.29
N ARG B 501 4.86 -19.54 -26.25
CA ARG B 501 5.90 -20.58 -26.49
C ARG B 501 7.19 -19.89 -27.00
N HIS B 502 7.05 -18.84 -27.87
CA HIS B 502 8.19 -18.08 -28.40
C HIS B 502 8.92 -17.36 -27.25
N ARG B 503 8.17 -16.60 -26.42
CA ARG B 503 8.72 -15.86 -25.27
C ARG B 503 9.36 -16.82 -24.25
N ALA B 504 8.80 -18.03 -24.09
CA ALA B 504 9.30 -19.02 -23.13
C ALA B 504 10.66 -19.55 -23.49
N ARG B 505 10.97 -19.67 -24.80
CA ARG B 505 12.29 -20.12 -25.26
C ARG B 505 13.33 -19.10 -24.82
N SER B 506 13.01 -17.80 -24.94
CA SER B 506 13.84 -16.70 -24.49
C SER B 506 14.01 -16.72 -22.96
N VAL B 507 12.89 -16.81 -22.20
CA VAL B 507 12.94 -16.85 -20.73
C VAL B 507 13.80 -18.05 -20.29
N ARG B 508 13.62 -19.21 -20.95
CA ARG B 508 14.40 -20.42 -20.69
C ARG B 508 15.91 -20.17 -20.87
N ALA B 509 16.31 -19.61 -22.02
CA ALA B 509 17.71 -19.31 -22.33
C ALA B 509 18.28 -18.33 -21.31
N ARG B 510 17.52 -17.27 -20.96
CA ARG B 510 17.92 -16.28 -19.95
C ARG B 510 18.18 -16.93 -18.58
N LEU B 511 17.31 -17.88 -18.16
CA LEU B 511 17.46 -18.58 -16.90
C LEU B 511 18.68 -19.51 -16.91
N LEU B 512 18.89 -20.25 -18.02
CA LEU B 512 20.03 -21.15 -18.18
C LEU B 512 21.35 -20.40 -18.08
N SER B 513 21.43 -19.17 -18.68
CA SER B 513 22.59 -18.27 -18.66
C SER B 513 23.01 -17.91 -17.23
N GLN B 514 22.01 -17.66 -16.33
CA GLN B 514 22.23 -17.31 -14.92
C GLN B 514 22.85 -18.46 -14.11
N GLY B 515 22.72 -19.70 -14.60
CA GLY B 515 23.19 -20.92 -13.94
C GLY B 515 22.51 -21.16 -12.60
N GLY B 516 23.00 -22.18 -11.87
CA GLY B 516 22.49 -22.54 -10.55
C GLY B 516 21.01 -22.84 -10.49
N ARG B 517 20.31 -22.32 -9.45
CA ARG B 517 18.86 -22.52 -9.25
C ARG B 517 18.03 -21.94 -10.40
N ALA B 518 18.50 -20.84 -11.01
CA ALA B 518 17.80 -20.22 -12.16
C ALA B 518 17.84 -21.15 -13.37
N ALA B 519 18.98 -21.84 -13.62
CA ALA B 519 19.13 -22.78 -14.73
C ALA B 519 18.19 -23.97 -14.54
N THR B 520 18.07 -24.46 -13.28
CA THR B 520 17.13 -25.52 -12.87
C THR B 520 15.69 -25.09 -13.28
N CYS B 521 15.30 -23.81 -12.98
CA CYS B 521 14.00 -23.24 -13.38
C CYS B 521 13.83 -23.27 -14.90
N GLY B 522 14.89 -22.93 -15.63
CA GLY B 522 14.88 -22.95 -17.09
C GLY B 522 14.62 -24.35 -17.61
N LYS B 523 15.41 -25.31 -17.11
CA LYS B 523 15.40 -26.73 -17.46
C LYS B 523 14.05 -27.43 -17.19
N TYR B 524 13.48 -27.27 -15.97
CA TYR B 524 12.21 -27.95 -15.61
C TYR B 524 10.95 -27.23 -16.03
N LEU B 525 10.87 -25.94 -15.69
CA LEU B 525 9.66 -25.16 -15.95
C LEU B 525 9.41 -24.90 -17.39
N PHE B 526 10.48 -24.86 -18.23
CA PHE B 526 10.30 -24.50 -19.63
C PHE B 526 10.78 -25.56 -20.62
N ASN B 527 10.85 -26.84 -20.19
CA ASN B 527 11.22 -27.95 -21.08
C ASN B 527 10.21 -28.13 -22.21
N TRP B 528 8.93 -27.77 -21.96
CA TRP B 528 7.83 -27.82 -22.94
C TRP B 528 8.05 -26.89 -24.13
N ALA B 529 8.82 -25.78 -23.95
CA ALA B 529 9.01 -24.77 -25.00
C ALA B 529 10.07 -25.11 -26.04
N VAL B 530 10.99 -26.04 -25.75
CA VAL B 530 12.04 -26.42 -26.70
C VAL B 530 11.67 -27.66 -27.53
N LYS B 531 12.21 -27.73 -28.77
CA LYS B 531 11.98 -28.83 -29.69
C LYS B 531 12.69 -30.10 -29.20
N THR B 532 13.97 -29.97 -28.84
CA THR B 532 14.74 -31.14 -28.39
C THR B 532 14.77 -31.11 -26.85
N LYS B 533 13.74 -31.76 -26.28
CA LYS B 533 13.50 -31.89 -24.84
C LYS B 533 14.64 -32.59 -24.10
N LEU B 534 14.73 -32.29 -22.80
CA LEU B 534 15.69 -32.89 -21.88
C LEU B 534 14.95 -33.97 -21.09
N LYS B 535 15.64 -35.05 -20.66
CA LYS B 535 14.98 -36.09 -19.85
C LYS B 535 15.09 -35.60 -18.40
N LEU B 536 13.97 -35.12 -17.84
CA LEU B 536 13.94 -34.54 -16.49
C LEU B 536 13.97 -35.59 -15.41
N THR B 537 14.86 -35.41 -14.44
CA THR B 537 15.09 -36.37 -13.36
C THR B 537 14.75 -35.79 -11.98
N PRO B 538 14.57 -36.58 -10.89
CA PRO B 538 14.25 -35.95 -9.60
C PRO B 538 15.30 -34.93 -9.14
N ILE B 539 14.83 -33.78 -8.60
CA ILE B 539 15.71 -32.71 -8.11
C ILE B 539 16.15 -33.09 -6.67
N PRO B 540 17.46 -33.20 -6.38
CA PRO B 540 17.88 -33.58 -5.00
C PRO B 540 17.38 -32.65 -3.91
N ALA B 541 17.26 -31.35 -4.21
CA ALA B 541 16.79 -30.32 -3.27
C ALA B 541 15.33 -30.50 -2.82
N ALA B 542 14.50 -31.16 -3.66
CA ALA B 542 13.08 -31.42 -3.38
C ALA B 542 12.86 -32.25 -2.12
N SER B 543 13.77 -33.22 -1.84
CA SER B 543 13.77 -34.10 -0.68
C SER B 543 14.02 -33.32 0.63
N ARG B 544 14.96 -32.35 0.57
CA ARG B 544 15.37 -31.49 1.67
C ARG B 544 14.31 -30.45 2.07
N LEU B 545 13.32 -30.18 1.18
CA LEU B 545 12.25 -29.21 1.42
C LEU B 545 11.33 -29.58 2.58
N ASP B 546 11.28 -28.70 3.58
CA ASP B 546 10.42 -28.86 4.73
C ASP B 546 9.03 -28.38 4.31
N LEU B 547 8.20 -29.33 3.84
CA LEU B 547 6.85 -29.05 3.40
C LEU B 547 5.83 -29.45 4.45
N SER B 548 6.26 -29.47 5.74
CA SER B 548 5.36 -29.75 6.85
C SER B 548 4.55 -28.46 7.07
N GLY B 549 3.30 -28.61 7.49
CA GLY B 549 2.41 -27.49 7.66
C GLY B 549 1.63 -27.24 6.38
N TRP B 550 2.18 -27.75 5.24
CA TRP B 550 1.51 -27.71 3.94
C TRP B 550 0.57 -28.91 3.91
N PHE B 551 -0.67 -28.67 3.49
CA PHE B 551 -1.74 -29.65 3.30
C PHE B 551 -2.02 -30.48 4.56
N VAL B 552 -2.41 -29.76 5.61
CA VAL B 552 -2.82 -30.30 6.90
C VAL B 552 -4.25 -29.83 7.07
N ALA B 553 -4.44 -28.51 7.02
CA ALA B 553 -5.76 -27.91 7.20
C ALA B 553 -5.93 -26.62 6.39
N GLY B 554 -7.16 -26.14 6.37
CA GLY B 554 -7.52 -24.88 5.76
C GLY B 554 -7.56 -23.80 6.83
N TYR B 555 -7.10 -22.59 6.48
CA TYR B 555 -7.01 -21.46 7.42
C TYR B 555 -7.52 -20.15 6.80
N SER B 556 -8.55 -20.22 5.91
CA SER B 556 -9.11 -19.01 5.27
C SER B 556 -9.66 -18.07 6.34
N GLY B 557 -9.14 -16.84 6.31
CA GLY B 557 -9.47 -15.77 7.25
C GLY B 557 -8.82 -15.96 8.62
N GLY B 558 -8.06 -17.05 8.78
CA GLY B 558 -7.48 -17.47 10.04
C GLY B 558 -6.22 -16.79 10.52
N ASP B 559 -5.69 -15.84 9.72
CA ASP B 559 -4.49 -15.07 10.08
C ASP B 559 -3.28 -16.00 10.39
N ILE B 560 -3.01 -16.97 9.51
CA ILE B 560 -1.94 -17.97 9.68
C ILE B 560 -0.79 -17.75 8.70
N TYR B 561 0.45 -17.75 9.23
CA TYR B 561 1.68 -17.58 8.49
C TYR B 561 2.59 -18.75 8.84
N HIS B 562 2.84 -19.64 7.84
CA HIS B 562 3.59 -20.91 7.95
C HIS B 562 3.00 -21.85 9.03
S DMS C . 12.08 12.60 9.53
O DMS C . 12.98 12.74 8.40
C1 DMS C . 13.19 12.59 10.89
C2 DMS C . 11.38 14.20 9.67
H11 DMS C . 14.18 12.95 10.60
H12 DMS C . 13.36 11.62 11.34
H13 DMS C . 12.85 13.24 11.70
H21 DMS C . 11.10 14.42 10.69
H22 DMS C . 10.50 14.33 9.05
H23 DMS C . 12.05 15.02 9.38
C1 28Q D . 6.02 18.78 5.57
C2 28Q D . 6.81 17.62 5.64
C3 28Q D . 7.76 17.43 4.59
C4 28Q D . 7.88 18.35 3.53
C5 28Q D . 7.06 19.47 3.52
C6 28Q D . 6.13 19.69 4.53
C7 28Q D . 5.28 20.91 4.52
C8 28Q D . 5.09 21.66 5.66
C9 28Q D . 4.23 22.79 5.67
C10 28Q D . 3.61 23.15 4.51
N11 28Q D . 3.82 22.44 3.37
C13 28Q D . 4.64 21.30 3.26
O14 28Q D . 4.77 20.72 2.19
C15 28Q D . 8.85 18.14 2.37
C16 28Q D . 9.86 19.32 2.22
C17 28Q D . 10.85 19.16 1.10
C18 28Q D . 12.10 18.57 1.32
C19 28Q D . 13.06 18.54 0.33
C20 28Q D . 12.80 19.09 -0.92
C21 28Q D . 11.55 19.64 -1.15
C22 28Q D . 10.59 19.68 -0.15
N23 28Q D . 13.83 19.11 -1.90
S24 28Q D . 13.72 19.53 -3.46
O25 28Q D . 14.94 19.13 -4.08
O26 28Q D . 12.48 18.99 -3.96
C27 28Q D . 13.62 21.28 -3.51
O28 28Q D . 8.51 16.28 4.57
C29 28Q D . 9.89 16.40 4.94
C30 28Q D . 6.44 16.57 6.71
C31 28Q D . 5.36 17.08 7.69
C32 28Q D . 5.86 15.29 6.06
C33 28Q D . 7.64 16.16 7.57
S DMS E . -12.67 -30.99 -8.03
O DMS E . -13.23 -31.49 -6.76
C1 DMS E . -14.07 -30.63 -9.01
C2 DMS E . -12.12 -29.36 -7.63
H11 DMS E . -14.72 -29.91 -8.53
H12 DMS E . -14.71 -31.50 -9.22
H13 DMS E . -13.80 -30.22 -9.98
H21 DMS E . -11.33 -29.04 -8.32
H22 DMS E . -11.69 -29.28 -6.64
H23 DMS E . -12.87 -28.58 -7.69
S DMS F . -6.51 -40.88 12.01
O DMS F . -7.76 -40.33 11.49
C1 DMS F . -5.86 -41.90 10.71
C2 DMS F . -5.33 -39.57 11.90
H11 DMS F . -5.44 -42.82 11.11
H12 DMS F . -5.06 -41.45 10.12
H13 DMS F . -6.63 -42.20 9.99
H21 DMS F . -5.67 -38.68 12.44
H22 DMS F . -5.15 -39.26 10.88
H23 DMS F . -4.36 -39.81 12.32
C1 GOL G . -4.88 -8.97 -6.65
O1 GOL G . -3.92 -9.92 -6.21
C2 GOL G . -5.81 -8.59 -5.52
O2 GOL G . -5.07 -7.99 -4.45
C3 GOL G . -6.60 -9.77 -5.01
O3 GOL G . -7.46 -10.29 -6.01
C1 28Q H . -6.34 -24.81 -5.03
C2 28Q H . -7.21 -25.89 -4.89
C3 28Q H . -8.17 -25.82 -3.83
C4 28Q H . -8.24 -24.71 -2.96
C5 28Q H . -7.34 -23.67 -3.18
C6 28Q H . -6.40 -23.71 -4.19
C7 28Q H . -5.43 -22.59 -4.36
C8 28Q H . -5.16 -22.07 -5.61
C9 28Q H . -4.17 -21.07 -5.79
C10 28Q H . -3.50 -20.60 -4.70
N11 28Q H . -3.79 -21.08 -3.46
C13 28Q H . -4.74 -22.06 -3.18
O14 28Q H . -4.94 -22.39 -1.99
C15 28Q H . -9.22 -24.61 -1.82
C16 28Q H . -10.19 -23.42 -2.00
C17 28Q H . -11.17 -23.23 -0.86
C18 28Q H . -12.51 -23.56 -1.00
C19 28Q H . -13.43 -23.25 -0.02
C20 28Q H . -13.03 -22.61 1.14
C21 28Q H . -11.68 -22.29 1.30
C22 28Q H . -10.77 -22.61 0.32
N23 28Q H . -14.01 -22.26 2.12
S24 28Q H . -13.77 -21.63 3.60
O25 28Q H . -15.01 -21.81 4.28
O26 28Q H . -12.59 -22.20 4.17
C27 28Q H . -13.51 -19.92 3.37
O28 28Q H . -9.00 -26.89 -3.59
C29 28Q H . -10.37 -26.77 -4.00
C30 28Q H . -7.08 -27.09 -5.87
C31 28Q H . -5.99 -26.85 -6.93
C32 28Q H . -6.67 -28.39 -5.11
C33 28Q H . -8.38 -27.36 -6.64
#